data_7U9P
#
_entry.id   7U9P
#
_cell.length_a   1.00
_cell.length_b   1.00
_cell.length_c   1.00
_cell.angle_alpha   90.00
_cell.angle_beta   90.00
_cell.angle_gamma   90.00
#
_symmetry.space_group_name_H-M   'P 1'
#
loop_
_entity.id
_entity.type
_entity.pdbx_description
1 polymer 'Spike glycoprotein'
2 polymer 'NA8 Fab heavy chain'
3 polymer 'NA8 Fab light chain'
4 non-polymer 2-acetamido-2-deoxy-beta-D-glucopyranose
#
loop_
_entity_poly.entity_id
_entity_poly.type
_entity_poly.pdbx_seq_one_letter_code
_entity_poly.pdbx_strand_id
1 'polypeptide(L)'
;QCVNLTTRTQLPPAYTNSFTRGVYYPDKVFRSSVLHSTQDLFLPFFSNVTWFHAIHVSGTNGTKRFDNPVLPFNDGVYFA
STEKSNIIRGWIFGTTLDSKTQSLLIVNNATNVVIKVCEFQFCNDPFLGVYYHKNNKSWMESEFRVYSSANNCTFEYVSQ
PFLMDLEGKQGNFKNLREFVFKNIDGYFKIYSKHTPINLVRDLPQGFSALEPLVDLPIGINITRFQTLLALHRSYLTPGD
SSSGWTAGAAAYYVGYLQPRTFLLKYNENGTITDAVDCALDPLSETKCTLKSFTVEKGIYQTSNFRVQPTESIVRFPNIT
NLCPFGEVFNATRFASVYAWNRKRISNCVADYSVLYNSASFSTFKCYGVSPTKLNDLCFTNVYADSFVIRGDEVRQIAPG
QTGKIADYNYKLPDDFTGCVIAWNSNNLDSKVGGNYNYLYRLFRKSNLKPFERDISTEIYQAGSTPCNGVEGFNCYFPLQ
SYGFQPTNGVGYQPYRVVVLSFELLHAPATVCGPKKSTNLVKNKCVNFNFNGLTGTGVLTESNKKFLPFQQFGRDIADTT
DAVRDPQTLEILDITPCSFGGVSVITPGTNTSNQVAVLYQDVNCTEVPVAIHADQLTPTWRVYSTGSNVFQTRAGCLIGA
EHVNNSYECDIPIGAGICASYQTQTNSPGSASSVASQSIIAYTMSLGAENSVAYSNNSIAIPTNFTISVTTEILPVSMTK
TSVDCTMYICGDSTECSNLLLQYGSFCTQLNRALTGIAVEQDKNTQEVFAQVKQIYKTPPIKDFGGFNFSQILPDPSKPS
KRSPIEDLLFNKVTLADAGFIKQYGDCLGDIAARDLICAQKFNGLTVLPPLLTDEMIAQYTSALLAGTITSGWTFGAGPA
LQIPFPMQMAYRFNGIGVTQNVLYENQKLIANQFNSAIGKIQDSLSSTPSALGKLQDVVNQNAQALNTLVKQLSSNFGAI
SSVLNDILSRLDPPEAEVQIDRLITGRLQSLQTYVTQQLIRAAEIRASANLAATKMSECVLGQSKRVDFCGKGYHLMSFP
QSAPHGVVFLHVTYVPAQEKNFTTAPAICHDGKAHFPREGVFVSNGTHWFVTQRNFYEPQIITTDNTFVSGNCDVVIGIV
NNTVYDPLQPELDSFKEELDKYFKNHTSPDVDLGDISGINASVVNIQKEIDRLNEVAKNLNESLIDLQELGKYEQGSGYI
PEAPRDGQAYVRKDGEWVLLSTFLGRSLEVLFQGPGHHHHHHHHSAWSHPQFEKGGGSGGGGSGGSAWSHPQFEK
;
A,B
2 'polypeptide(L)'
;VQLLEESGGGAVQPGRSLRLSCEASGFSFNSYGMHWVRQAPGKGLEWVAAIWYSGSDRDYADSVKGRFSISRDNSKNTLY
LQMNSLRAEDTAVYYCARDPHCTGGVCDAFDLWGQGTMVTVSSASTKGPSVFPGAPSSKSTSGGTAALGCLVKDYFPEPV
TVSWNSGALTSGVHTFPAVLQSSGLYSLSSVVTVPSSSLGTQTYICNVDHKPATPRWTRKLSPNLVTKL
;
H
3 'polypeptide(L)'
;ELQMTQSPSSLSASVGDRVTITCRASQSISSYLNWYQQKPGKAPKLLIYAASSLQSGVPSRFSGSGSGTDFTLTISSLQP
EDFATYYCQQSYSTPYTFGQGTKLEIKRTVAAPSVFIFPPSDEQLKSGTASVVCLLNNFYPREAKVQWKVDNALQSGNSQ
ESVTEQDSKDSTYSLSSTLTLSKADYEKHKVYACEVTHQGLSSPVTKSFNRGEC
;
L
#
loop_
_chem_comp.id
_chem_comp.type
_chem_comp.name
_chem_comp.formula
NAG D-saccharide, beta linking 2-acetamido-2-deoxy-beta-D-glucopyranose 'C8 H15 N O6'
#
# COMPACT_ATOMS: atom_id res chain seq x y z
N VAL A 307 -27.53 -49.51 15.26
CA VAL A 307 -26.21 -49.55 15.87
C VAL A 307 -25.82 -48.17 16.35
N GLN A 308 -25.34 -48.09 17.59
CA GLN A 308 -24.94 -46.83 18.20
C GLN A 308 -23.45 -46.58 17.98
N PRO A 309 -23.03 -45.32 17.84
CA PRO A 309 -21.61 -45.02 17.67
C PRO A 309 -20.83 -45.23 18.96
N THR A 310 -19.51 -45.17 18.87
CA THR A 310 -18.66 -45.50 20.01
C THR A 310 -17.81 -44.33 20.47
N GLU A 311 -17.02 -43.72 19.58
CA GLU A 311 -16.34 -42.46 19.90
C GLU A 311 -16.23 -41.64 18.64
N SER A 312 -15.50 -40.52 18.75
CA SER A 312 -15.33 -39.56 17.67
C SER A 312 -13.90 -39.56 17.17
N ILE A 313 -13.73 -39.15 15.91
CA ILE A 313 -12.45 -39.08 15.25
C ILE A 313 -12.34 -37.73 14.54
N VAL A 314 -11.26 -37.00 14.81
CA VAL A 314 -10.98 -35.78 14.08
C VAL A 314 -9.63 -35.91 13.38
N ARG A 315 -9.57 -35.50 12.11
CA ARG A 315 -8.36 -35.56 11.30
C ARG A 315 -8.24 -34.24 10.56
N PHE A 316 -7.60 -33.26 11.17
CA PHE A 316 -7.25 -32.00 10.52
C PHE A 316 -5.87 -32.14 9.89
N PRO A 317 -5.42 -31.16 9.09
CA PRO A 317 -4.03 -31.16 8.66
C PRO A 317 -3.05 -30.88 9.80
N ASN A 318 -1.76 -30.98 9.46
CA ASN A 318 -0.66 -30.85 10.41
C ASN A 318 -0.02 -29.47 10.31
N ILE A 319 -0.80 -28.43 10.56
CA ILE A 319 -0.34 -27.06 10.46
C ILE A 319 -0.35 -26.49 11.87
N THR A 320 0.64 -25.64 12.19
CA THR A 320 0.84 -25.23 13.57
C THR A 320 0.83 -23.71 13.80
N ASN A 321 1.30 -22.89 12.86
CA ASN A 321 1.50 -21.47 13.10
C ASN A 321 0.18 -20.72 13.24
N LEU A 322 0.26 -19.52 13.82
CA LEU A 322 -0.94 -18.74 14.06
C LEU A 322 -1.21 -17.76 12.93
N CYS A 323 -2.43 -17.25 12.91
CA CYS A 323 -2.85 -16.42 11.80
C CYS A 323 -2.54 -14.96 12.08
N PRO A 324 -2.22 -14.18 11.05
CA PRO A 324 -2.01 -12.74 11.24
C PRO A 324 -3.31 -11.99 11.48
N PHE A 325 -3.77 -12.03 12.72
CA PHE A 325 -4.94 -11.29 13.16
C PHE A 325 -4.57 -10.06 13.95
N GLY A 326 -3.38 -10.05 14.55
CA GLY A 326 -2.89 -8.84 15.15
C GLY A 326 -2.61 -7.75 14.14
N GLU A 327 -2.20 -8.15 12.94
CA GLU A 327 -1.90 -7.18 11.90
C GLU A 327 -3.14 -6.56 11.29
N VAL A 328 -4.32 -7.12 11.52
CA VAL A 328 -5.55 -6.50 11.08
C VAL A 328 -6.22 -5.73 12.21
N PHE A 329 -6.33 -6.32 13.40
CA PHE A 329 -7.04 -5.63 14.46
C PHE A 329 -6.22 -4.57 15.17
N ASN A 330 -4.91 -4.74 15.31
CA ASN A 330 -4.11 -3.82 16.11
C ASN A 330 -3.25 -2.87 15.31
N ALA A 331 -3.68 -2.47 14.12
CA ALA A 331 -2.88 -1.55 13.31
C ALA A 331 -2.94 -0.16 13.90
N THR A 332 -1.95 0.67 13.55
CA THR A 332 -1.87 1.99 14.15
C THR A 332 -2.93 2.93 13.61
N ARG A 333 -3.21 2.87 12.31
CA ARG A 333 -4.35 3.60 11.76
C ARG A 333 -4.89 2.93 10.51
N PHE A 334 -6.21 2.83 10.43
CA PHE A 334 -6.90 2.08 9.39
C PHE A 334 -7.02 2.93 8.12
N ALA A 335 -7.91 2.53 7.24
CA ALA A 335 -8.20 3.27 6.03
C ALA A 335 -9.58 3.88 6.12
N SER A 336 -9.82 4.93 5.35
CA SER A 336 -11.14 5.52 5.26
C SER A 336 -12.04 4.64 4.40
N VAL A 337 -13.34 4.93 4.41
CA VAL A 337 -14.29 3.92 3.96
C VAL A 337 -14.38 3.86 2.45
N TYR A 338 -14.09 4.97 1.75
CA TYR A 338 -14.23 4.93 0.29
C TYR A 338 -13.11 4.14 -0.36
N ALA A 339 -11.95 4.01 0.28
CA ALA A 339 -10.89 3.09 -0.13
C ALA A 339 -10.71 2.13 1.02
N TRP A 340 -11.52 1.10 1.07
CA TRP A 340 -11.44 0.13 2.15
C TRP A 340 -10.37 -0.90 1.84
N ASN A 341 -9.60 -1.26 2.85
CA ASN A 341 -8.48 -2.16 2.72
C ASN A 341 -8.98 -3.60 2.62
N ARG A 342 -8.12 -4.53 2.17
CA ARG A 342 -8.53 -5.92 2.01
C ARG A 342 -7.29 -6.82 2.04
N LYS A 343 -7.42 -8.01 2.62
CA LYS A 343 -6.27 -8.86 2.88
C LYS A 343 -6.66 -10.34 2.89
N ARG A 344 -5.86 -11.18 2.23
CA ARG A 344 -6.09 -12.63 2.23
C ARG A 344 -5.37 -13.32 3.37
N ILE A 345 -6.06 -14.26 4.00
CA ILE A 345 -5.51 -15.06 5.08
C ILE A 345 -5.58 -16.52 4.68
N SER A 346 -4.44 -17.20 4.71
CA SER A 346 -4.34 -18.55 4.20
C SER A 346 -3.23 -19.31 4.93
N ASN A 347 -3.44 -20.63 5.03
CA ASN A 347 -2.47 -21.60 5.55
C ASN A 347 -2.02 -21.27 6.97
N CYS A 348 -2.99 -21.24 7.89
CA CYS A 348 -2.67 -20.91 9.27
C CYS A 348 -3.75 -21.47 10.17
N VAL A 349 -3.51 -21.39 11.48
CA VAL A 349 -4.42 -21.91 12.49
C VAL A 349 -5.09 -20.73 13.16
N ALA A 350 -6.41 -20.63 13.02
CA ALA A 350 -7.16 -19.46 13.43
C ALA A 350 -7.95 -19.78 14.68
N ASP A 351 -7.60 -19.12 15.78
CA ASP A 351 -8.32 -19.27 17.03
C ASP A 351 -9.35 -18.14 17.11
N TYR A 352 -10.62 -18.46 16.89
CA TYR A 352 -11.65 -17.45 16.97
C TYR A 352 -12.18 -17.24 18.38
N SER A 353 -11.86 -18.17 19.30
CA SER A 353 -12.34 -18.07 20.68
C SER A 353 -11.72 -16.88 21.39
N VAL A 354 -10.43 -16.65 21.17
CA VAL A 354 -9.73 -15.56 21.84
C VAL A 354 -10.23 -14.21 21.35
N LEU A 355 -10.74 -14.16 20.12
CA LEU A 355 -11.32 -12.92 19.65
C LEU A 355 -12.71 -12.73 20.20
N TYR A 356 -13.52 -13.80 20.19
CA TYR A 356 -14.92 -13.67 20.57
C TYR A 356 -15.06 -13.37 22.05
N ASN A 357 -14.18 -13.92 22.87
CA ASN A 357 -14.34 -13.74 24.30
C ASN A 357 -13.51 -12.61 24.85
N SER A 358 -13.37 -11.54 24.08
CA SER A 358 -12.84 -10.28 24.58
C SER A 358 -14.01 -9.35 24.88
N ALA A 359 -13.83 -8.49 25.87
CA ALA A 359 -14.86 -7.54 26.24
C ALA A 359 -14.77 -6.25 25.44
N SER A 360 -13.89 -6.20 24.45
CA SER A 360 -13.64 -4.95 23.73
C SER A 360 -14.72 -4.69 22.69
N PHE A 361 -15.25 -5.73 22.07
CA PHE A 361 -16.04 -5.56 20.86
C PHE A 361 -17.47 -5.23 21.22
N SER A 362 -17.95 -4.08 20.78
CA SER A 362 -19.32 -3.68 21.06
C SER A 362 -20.27 -4.00 19.93
N THR A 363 -19.85 -4.85 19.00
CA THR A 363 -20.71 -5.42 17.97
C THR A 363 -20.01 -6.65 17.41
N PHE A 364 -20.69 -7.79 17.41
CA PHE A 364 -20.08 -9.01 16.88
C PHE A 364 -21.27 -9.80 16.34
N LYS A 365 -21.53 -9.72 15.06
CA LYS A 365 -22.72 -10.36 14.50
C LYS A 365 -22.32 -11.25 13.33
N CYS A 366 -21.97 -12.49 13.61
CA CYS A 366 -21.73 -13.47 12.56
C CYS A 366 -23.07 -13.86 11.97
N TYR A 367 -23.08 -14.14 10.67
CA TYR A 367 -24.35 -14.28 9.94
C TYR A 367 -24.62 -15.69 9.45
N GLY A 368 -23.78 -16.24 8.59
CA GLY A 368 -24.08 -17.56 8.10
C GLY A 368 -23.74 -18.63 9.10
N VAL A 369 -22.73 -18.38 9.92
CA VAL A 369 -22.20 -19.32 10.88
C VAL A 369 -22.41 -18.72 12.26
N SER A 370 -22.71 -19.54 13.24
CA SER A 370 -22.87 -19.02 14.59
C SER A 370 -21.50 -18.77 15.23
N PRO A 371 -21.39 -17.77 16.12
CA PRO A 371 -20.08 -17.43 16.70
C PRO A 371 -19.49 -18.47 17.64
N THR A 372 -20.30 -19.40 18.17
CA THR A 372 -19.80 -20.39 19.12
C THR A 372 -19.04 -21.49 18.41
N LYS A 373 -19.62 -22.04 17.35
CA LYS A 373 -19.01 -23.15 16.61
C LYS A 373 -18.12 -22.67 15.50
N LEU A 374 -17.26 -21.70 15.77
CA LEU A 374 -16.28 -21.29 14.76
C LEU A 374 -14.96 -21.99 14.88
N ASN A 375 -14.69 -22.62 16.01
CA ASN A 375 -13.44 -23.33 16.20
C ASN A 375 -13.44 -24.71 15.59
N ASP A 376 -14.53 -25.14 14.97
CA ASP A 376 -14.63 -26.51 14.51
C ASP A 376 -14.60 -26.65 13.00
N LEU A 377 -15.06 -25.65 12.25
CA LEU A 377 -15.19 -25.82 10.81
C LEU A 377 -13.87 -25.55 10.11
N CYS A 378 -13.86 -25.78 8.79
CA CYS A 378 -12.72 -25.41 7.97
C CYS A 378 -13.15 -24.60 6.75
N PHE A 379 -12.39 -23.55 6.47
CA PHE A 379 -12.81 -22.43 5.66
C PHE A 379 -11.95 -22.27 4.42
N THR A 380 -12.58 -21.82 3.35
CA THR A 380 -11.91 -21.55 2.08
C THR A 380 -12.20 -20.10 1.69
N ASN A 381 -11.16 -19.40 1.23
CA ASN A 381 -11.19 -17.98 0.88
C ASN A 381 -11.60 -17.13 2.08
N VAL A 382 -10.70 -17.05 3.06
CA VAL A 382 -10.85 -16.08 4.13
C VAL A 382 -10.34 -14.72 3.67
N TYR A 383 -11.10 -13.66 4.00
CA TYR A 383 -10.66 -12.28 3.80
C TYR A 383 -10.79 -11.50 5.10
N ALA A 384 -10.35 -10.24 5.08
CA ALA A 384 -10.50 -9.32 6.21
C ALA A 384 -10.43 -7.89 5.71
N ASP A 385 -11.45 -7.09 6.00
CA ASP A 385 -11.64 -5.77 5.41
C ASP A 385 -11.71 -4.70 6.49
N SER A 386 -10.85 -3.70 6.43
CA SER A 386 -10.71 -2.74 7.51
C SER A 386 -11.06 -1.34 7.04
N PHE A 387 -12.01 -0.70 7.69
CA PHE A 387 -12.31 0.68 7.36
C PHE A 387 -12.83 1.39 8.60
N VAL A 388 -13.16 2.68 8.48
CA VAL A 388 -13.59 3.50 9.60
C VAL A 388 -14.84 4.26 9.22
N ILE A 389 -15.90 4.13 10.01
CA ILE A 389 -17.19 4.78 9.78
C ILE A 389 -17.65 5.45 11.07
N ARG A 390 -18.84 6.04 11.03
CA ARG A 390 -19.39 6.83 12.13
C ARG A 390 -19.98 5.94 13.21
N GLY A 391 -20.80 6.53 14.06
CA GLY A 391 -21.46 5.77 15.10
C GLY A 391 -22.79 5.19 14.70
N ASP A 392 -23.65 6.00 14.08
CA ASP A 392 -24.96 5.54 13.66
C ASP A 392 -24.96 4.95 12.26
N GLU A 393 -23.83 4.41 11.82
CA GLU A 393 -23.73 3.79 10.52
C GLU A 393 -23.19 2.38 10.58
N VAL A 394 -23.00 1.82 11.79
CA VAL A 394 -22.61 0.43 11.92
C VAL A 394 -23.77 -0.49 11.58
N ARG A 395 -24.98 0.00 11.75
CA ARG A 395 -26.17 -0.78 11.42
C ARG A 395 -26.38 -0.97 9.92
N GLN A 396 -25.57 -0.36 9.06
CA GLN A 396 -25.70 -0.56 7.63
C GLN A 396 -24.74 -1.59 7.07
N ILE A 397 -23.78 -2.08 7.85
CA ILE A 397 -22.85 -3.08 7.35
C ILE A 397 -23.54 -4.42 7.59
N ALA A 398 -24.42 -4.76 6.65
CA ALA A 398 -25.31 -5.92 6.77
C ALA A 398 -25.90 -6.17 5.38
N PRO A 399 -26.45 -7.35 5.12
CA PRO A 399 -27.12 -7.57 3.84
C PRO A 399 -28.44 -6.84 3.76
N GLY A 400 -28.69 -6.22 2.61
CA GLY A 400 -29.98 -5.62 2.35
C GLY A 400 -30.27 -4.38 3.16
N GLN A 401 -29.27 -3.56 3.41
CA GLN A 401 -29.47 -2.27 4.03
C GLN A 401 -29.18 -1.20 3.00
N THR A 402 -29.79 -0.04 3.21
CA THR A 402 -29.74 1.07 2.27
C THR A 402 -29.33 2.33 3.01
N GLY A 403 -28.57 3.19 2.34
CA GLY A 403 -28.11 4.41 2.98
C GLY A 403 -27.12 5.18 2.14
N LYS A 404 -26.03 5.63 2.74
CA LYS A 404 -24.92 6.16 1.96
C LYS A 404 -23.67 5.31 2.07
N ILE A 405 -23.40 4.74 3.24
CA ILE A 405 -22.26 3.87 3.39
C ILE A 405 -22.50 2.56 2.67
N ALA A 406 -23.74 2.14 2.60
CA ALA A 406 -24.05 0.86 1.96
C ALA A 406 -24.39 1.00 0.49
N ASP A 407 -24.53 2.20 -0.02
CA ASP A 407 -24.89 2.35 -1.43
C ASP A 407 -23.78 2.92 -2.28
N TYR A 408 -22.93 3.79 -1.73
CA TYR A 408 -21.88 4.43 -2.52
C TYR A 408 -20.49 3.99 -2.11
N ASN A 409 -20.33 3.38 -0.94
CA ASN A 409 -19.01 3.15 -0.36
C ASN A 409 -18.68 1.67 -0.17
N TYR A 410 -19.48 0.91 0.55
CA TYR A 410 -19.18 -0.49 0.84
C TYR A 410 -20.47 -1.30 0.90
N LYS A 411 -20.65 -2.24 -0.01
CA LYS A 411 -21.89 -2.98 -0.15
C LYS A 411 -21.65 -4.47 0.00
N LEU A 412 -22.38 -5.11 0.92
CA LEU A 412 -22.39 -6.54 1.20
C LEU A 412 -23.48 -7.23 0.41
N PRO A 413 -23.22 -8.41 -0.12
CA PRO A 413 -24.22 -9.11 -0.94
C PRO A 413 -25.32 -9.71 -0.10
N ASP A 414 -26.18 -10.52 -0.72
CA ASP A 414 -27.29 -11.13 -0.01
C ASP A 414 -26.95 -12.51 0.54
N ASP A 415 -26.19 -13.31 -0.21
CA ASP A 415 -25.74 -14.62 0.27
C ASP A 415 -24.43 -14.52 1.05
N PHE A 416 -24.45 -13.67 2.09
CA PHE A 416 -23.22 -13.36 2.81
C PHE A 416 -22.97 -14.36 3.93
N THR A 417 -21.71 -14.71 4.13
CA THR A 417 -21.31 -15.71 5.12
C THR A 417 -20.03 -15.22 5.80
N GLY A 418 -20.18 -14.52 6.91
CA GLY A 418 -19.01 -13.98 7.55
C GLY A 418 -19.36 -13.43 8.89
N CYS A 419 -18.60 -12.44 9.33
CA CYS A 419 -18.84 -11.82 10.61
C CYS A 419 -18.57 -10.33 10.48
N VAL A 420 -19.15 -9.55 11.37
CA VAL A 420 -19.04 -8.09 11.33
C VAL A 420 -18.68 -7.64 12.74
N ILE A 421 -17.49 -7.16 12.92
CA ILE A 421 -16.98 -6.78 14.23
C ILE A 421 -16.83 -5.27 14.26
N ALA A 422 -17.10 -4.64 15.40
CA ALA A 422 -16.89 -3.21 15.50
C ALA A 422 -16.47 -2.89 16.92
N TRP A 423 -15.85 -1.74 17.12
CA TRP A 423 -15.59 -1.24 18.47
C TRP A 423 -15.58 0.26 18.45
N ASN A 424 -15.45 0.87 19.62
CA ASN A 424 -15.43 2.31 19.75
C ASN A 424 -13.98 2.75 19.91
N SER A 425 -13.52 3.59 19.02
CA SER A 425 -12.14 4.03 19.01
C SER A 425 -12.06 5.54 19.02
N ASN A 426 -12.78 6.17 19.95
CA ASN A 426 -12.76 7.62 20.09
C ASN A 426 -11.42 8.10 20.60
N ASN A 427 -10.69 7.28 21.32
CA ASN A 427 -9.43 7.68 21.92
C ASN A 427 -8.23 7.40 21.03
N LEU A 428 -8.46 7.05 19.77
CA LEU A 428 -7.38 6.75 18.85
C LEU A 428 -7.51 7.41 17.49
N ASP A 429 -8.69 7.90 17.12
CA ASP A 429 -8.91 8.40 15.77
C ASP A 429 -9.45 9.81 15.76
N SER A 430 -9.31 10.57 16.83
CA SER A 430 -10.02 11.83 16.93
C SER A 430 -9.11 12.93 17.45
N LYS A 431 -9.08 14.04 16.71
CA LYS A 431 -8.22 15.17 16.97
C LYS A 431 -9.03 16.33 17.54
N VAL A 432 -8.33 17.25 18.20
CA VAL A 432 -8.98 18.39 18.82
C VAL A 432 -9.38 19.46 17.80
N GLY A 433 -8.68 19.55 16.69
CA GLY A 433 -9.09 20.50 15.67
C GLY A 433 -10.14 19.89 14.78
N GLY A 434 -9.83 19.67 13.51
CA GLY A 434 -10.74 18.94 12.67
C GLY A 434 -10.04 17.75 12.06
N ASN A 435 -10.60 16.56 12.12
CA ASN A 435 -9.86 15.38 11.71
C ASN A 435 -10.11 15.18 10.22
N TYR A 436 -9.31 15.87 9.42
CA TYR A 436 -9.50 15.90 7.98
C TYR A 436 -8.84 14.77 7.25
N ASN A 437 -8.71 13.58 7.80
CA ASN A 437 -8.01 12.57 7.03
C ASN A 437 -8.77 11.25 6.91
N TYR A 438 -10.04 11.22 7.34
CA TYR A 438 -10.93 10.11 7.02
C TYR A 438 -12.07 10.65 6.19
N LEU A 439 -12.27 10.14 4.99
CA LEU A 439 -13.22 10.69 4.05
C LEU A 439 -14.26 9.64 3.67
N TYR A 440 -15.30 10.07 2.97
CA TYR A 440 -16.30 9.14 2.45
C TYR A 440 -16.96 9.73 1.23
N ARG A 441 -17.33 8.88 0.28
CA ARG A 441 -17.92 9.39 -0.96
C ARG A 441 -19.36 9.77 -0.71
N LEU A 442 -19.76 10.90 -1.25
CA LEU A 442 -21.07 11.44 -1.01
C LEU A 442 -21.97 11.40 -2.22
N PHE A 443 -21.45 11.69 -3.41
CA PHE A 443 -22.25 11.69 -4.64
C PHE A 443 -21.69 10.66 -5.61
N ARG A 444 -22.57 9.88 -6.19
CA ARG A 444 -22.19 8.93 -7.23
C ARG A 444 -23.40 8.76 -8.14
N LYS A 445 -23.15 8.40 -9.39
CA LYS A 445 -24.24 8.34 -10.37
C LYS A 445 -25.18 7.19 -10.07
N SER A 446 -24.62 6.00 -9.85
CA SER A 446 -25.42 4.79 -9.71
C SER A 446 -25.11 4.09 -8.40
N ASN A 447 -25.61 2.88 -8.21
CA ASN A 447 -25.28 2.13 -7.03
C ASN A 447 -24.03 1.31 -7.28
N LEU A 448 -23.71 0.41 -6.37
CA LEU A 448 -22.54 -0.43 -6.47
C LEU A 448 -22.90 -1.89 -6.69
N LYS A 449 -21.90 -2.66 -7.06
CA LYS A 449 -21.97 -4.10 -7.07
C LYS A 449 -21.79 -4.60 -5.63
N PRO A 450 -21.79 -5.90 -5.40
CA PRO A 450 -21.16 -6.40 -4.18
C PRO A 450 -19.65 -6.38 -4.29
N PHE A 451 -19.01 -5.87 -3.23
CA PHE A 451 -17.56 -5.85 -3.05
C PHE A 451 -16.83 -5.07 -4.14
N GLU A 452 -17.36 -3.91 -4.51
CA GLU A 452 -16.78 -3.08 -5.56
C GLU A 452 -16.30 -1.76 -5.00
N ARG A 453 -15.04 -1.44 -5.26
CA ARG A 453 -14.40 -0.22 -4.79
C ARG A 453 -14.45 0.84 -5.88
N ASP A 454 -14.40 2.12 -5.50
CA ASP A 454 -14.37 3.19 -6.50
C ASP A 454 -13.55 4.36 -5.96
N ILE A 455 -12.26 4.36 -6.27
CA ILE A 455 -11.38 5.48 -5.93
C ILE A 455 -11.21 6.35 -7.17
N SER A 456 -12.12 7.30 -7.35
CA SER A 456 -12.07 8.18 -8.51
C SER A 456 -12.61 9.53 -8.10
N THR A 457 -11.72 10.50 -7.97
CA THR A 457 -12.11 11.85 -7.54
C THR A 457 -12.38 12.79 -8.71
N GLU A 458 -13.20 12.33 -9.65
CA GLU A 458 -13.64 13.13 -10.79
C GLU A 458 -14.83 13.98 -10.38
N ILE A 459 -15.03 15.09 -11.09
CA ILE A 459 -16.01 16.06 -10.65
C ILE A 459 -17.42 15.61 -11.06
N TYR A 460 -18.39 15.86 -10.19
CA TYR A 460 -19.76 15.41 -10.34
C TYR A 460 -20.60 16.50 -10.99
N GLN A 461 -21.73 16.10 -11.56
CA GLN A 461 -22.62 17.00 -12.29
C GLN A 461 -24.05 16.73 -11.85
N ALA A 462 -24.61 17.63 -11.06
CA ALA A 462 -25.99 17.49 -10.60
C ALA A 462 -27.00 18.22 -11.46
N GLY A 463 -26.54 18.96 -12.48
CA GLY A 463 -27.41 19.74 -13.33
C GLY A 463 -27.40 19.24 -14.76
N SER A 464 -28.29 19.83 -15.56
CA SER A 464 -28.44 19.43 -16.96
C SER A 464 -27.27 19.90 -17.80
N THR A 465 -26.70 21.05 -17.44
CA THR A 465 -25.53 21.56 -18.13
C THR A 465 -24.29 20.76 -17.74
N PRO A 466 -23.38 20.54 -18.68
CA PRO A 466 -22.14 19.82 -18.36
C PRO A 466 -21.15 20.75 -17.67
N CYS A 467 -20.16 20.12 -17.05
CA CYS A 467 -19.01 20.82 -16.50
C CYS A 467 -17.71 20.24 -17.03
N ASN A 468 -16.63 20.61 -16.38
CA ASN A 468 -15.28 20.25 -16.76
C ASN A 468 -14.55 19.96 -15.46
N GLY A 469 -13.23 20.05 -15.47
CA GLY A 469 -12.45 19.93 -14.25
C GLY A 469 -12.48 21.15 -13.33
N VAL A 470 -13.58 21.91 -13.34
CA VAL A 470 -13.75 23.07 -12.47
C VAL A 470 -14.88 22.80 -11.50
N GLU A 471 -14.98 23.62 -10.47
CA GLU A 471 -16.02 23.54 -9.47
C GLU A 471 -16.80 24.84 -9.50
N GLY A 472 -18.12 24.73 -9.53
CA GLY A 472 -18.93 25.93 -9.64
C GLY A 472 -20.30 25.85 -9.01
N PHE A 473 -21.31 26.14 -9.82
CA PHE A 473 -22.71 26.02 -9.44
C PHE A 473 -23.26 24.72 -10.00
N ASN A 474 -23.84 23.91 -9.11
CA ASN A 474 -24.36 22.56 -9.39
C ASN A 474 -23.31 21.62 -9.99
N CYS A 475 -22.05 21.79 -9.63
CA CYS A 475 -21.01 20.79 -9.91
C CYS A 475 -20.13 20.68 -8.68
N TYR A 476 -20.02 19.47 -8.14
CA TYR A 476 -19.48 19.30 -6.80
C TYR A 476 -18.27 18.37 -6.78
N PHE A 477 -17.49 18.54 -5.73
CA PHE A 477 -16.40 17.63 -5.40
C PHE A 477 -16.99 16.44 -4.65
N PRO A 478 -16.73 15.21 -5.07
CA PRO A 478 -17.58 14.12 -4.62
C PRO A 478 -17.30 13.64 -3.21
N LEU A 479 -16.10 13.83 -2.67
CA LEU A 479 -15.80 13.34 -1.33
C LEU A 479 -16.27 14.35 -0.30
N GLN A 480 -15.97 14.10 0.96
CA GLN A 480 -16.46 14.80 2.13
C GLN A 480 -15.68 14.22 3.29
N SER A 481 -15.48 15.00 4.34
CA SER A 481 -14.77 14.47 5.50
C SER A 481 -15.69 14.33 6.69
N TYR A 482 -15.46 13.33 7.52
CA TYR A 482 -16.06 13.35 8.84
C TYR A 482 -15.36 14.39 9.67
N GLY A 483 -16.09 15.07 10.52
CA GLY A 483 -15.46 16.02 11.39
C GLY A 483 -15.27 15.49 12.78
N PHE A 484 -14.45 14.44 12.90
CA PHE A 484 -14.26 13.78 14.19
C PHE A 484 -13.61 14.72 15.17
N GLN A 485 -14.03 14.62 16.44
CA GLN A 485 -13.87 15.67 17.39
C GLN A 485 -13.96 14.94 18.72
N PRO A 486 -13.10 15.22 19.70
CA PRO A 486 -13.07 14.37 20.89
C PRO A 486 -14.22 14.61 21.82
N THR A 487 -15.07 15.60 21.54
CA THR A 487 -16.26 15.86 22.32
C THR A 487 -17.52 15.75 21.48
N ASN A 488 -17.54 14.94 20.44
CA ASN A 488 -18.80 14.64 19.78
C ASN A 488 -19.62 13.75 20.68
N GLY A 489 -20.94 13.80 20.50
CA GLY A 489 -21.81 12.93 21.24
C GLY A 489 -21.65 11.50 20.79
N VAL A 490 -22.05 10.57 21.66
CA VAL A 490 -22.00 9.16 21.28
C VAL A 490 -22.99 8.93 20.18
N GLY A 491 -22.47 8.61 19.01
CA GLY A 491 -23.26 8.57 17.80
C GLY A 491 -22.64 9.27 16.63
N TYR A 492 -21.77 10.24 16.87
CA TYR A 492 -20.91 10.75 15.80
C TYR A 492 -19.46 10.39 16.01
N GLN A 493 -19.16 9.53 16.95
CA GLN A 493 -17.79 9.16 17.26
C GLN A 493 -17.30 8.14 16.25
N PRO A 494 -15.99 7.99 16.08
CA PRO A 494 -15.49 7.00 15.11
C PRO A 494 -15.54 5.58 15.62
N TYR A 495 -16.36 4.76 14.98
CA TYR A 495 -16.33 3.31 15.19
C TYR A 495 -15.50 2.68 14.08
N ARG A 496 -14.93 1.53 14.36
CA ARG A 496 -13.83 0.98 13.59
C ARG A 496 -14.11 -0.47 13.26
N VAL A 497 -14.39 -0.78 12.00
CA VAL A 497 -15.08 -2.00 11.58
C VAL A 497 -14.13 -2.96 10.91
N VAL A 498 -14.25 -4.26 11.20
CA VAL A 498 -13.60 -5.31 10.43
C VAL A 498 -14.63 -6.34 10.01
N VAL A 499 -14.77 -6.56 8.72
CA VAL A 499 -15.68 -7.55 8.20
C VAL A 499 -14.90 -8.76 7.73
N LEU A 500 -15.07 -9.89 8.39
CA LEU A 500 -14.54 -11.16 7.91
C LEU A 500 -15.50 -11.73 6.89
N SER A 501 -14.97 -12.46 5.92
CA SER A 501 -15.84 -13.20 5.01
C SER A 501 -15.11 -14.44 4.55
N PHE A 502 -15.81 -15.56 4.56
CA PHE A 502 -15.27 -16.83 4.13
C PHE A 502 -16.35 -17.59 3.37
N GLU A 503 -15.96 -18.73 2.81
CA GLU A 503 -16.80 -19.47 1.90
C GLU A 503 -16.78 -20.95 2.26
N LEU A 504 -17.96 -21.54 2.31
CA LEU A 504 -18.12 -22.92 2.73
C LEU A 504 -18.75 -23.80 1.65
N PRO A 508 -11.13 -28.27 -0.17
CA PRO A 508 -9.82 -27.78 -0.59
C PRO A 508 -9.22 -26.80 0.42
N ALA A 509 -9.69 -26.88 1.66
CA ALA A 509 -9.46 -25.83 2.65
C ALA A 509 -8.03 -25.84 3.16
N THR A 510 -7.58 -24.65 3.59
CA THR A 510 -6.22 -24.40 4.10
C THR A 510 -6.17 -23.83 5.51
N VAL A 511 -7.03 -22.87 5.85
CA VAL A 511 -7.03 -22.24 7.16
C VAL A 511 -8.20 -22.75 7.98
N CYS A 512 -7.91 -23.35 9.13
CA CYS A 512 -8.96 -23.67 10.09
C CYS A 512 -8.45 -23.91 11.49
N GLY A 513 -9.39 -24.33 12.33
CA GLY A 513 -9.35 -24.13 13.76
C GLY A 513 -8.45 -25.08 14.51
N PRO A 514 -8.31 -24.85 15.81
CA PRO A 514 -7.30 -25.55 16.61
C PRO A 514 -7.84 -26.75 17.38
N LYS A 515 -8.35 -27.74 16.68
CA LYS A 515 -8.78 -28.98 17.32
C LYS A 515 -7.66 -29.99 17.23
N LYS A 516 -7.30 -30.59 18.36
CA LYS A 516 -6.17 -31.49 18.41
C LYS A 516 -6.49 -32.80 17.68
N SER A 517 -5.54 -33.27 16.89
CA SER A 517 -5.80 -34.36 15.97
C SER A 517 -5.71 -35.68 16.72
N THR A 518 -6.72 -36.52 16.54
CA THR A 518 -6.74 -37.87 17.09
C THR A 518 -6.06 -38.82 16.13
N ASN A 519 -6.23 -40.12 16.36
CA ASN A 519 -5.66 -41.13 15.48
C ASN A 519 -6.75 -42.06 14.98
N LEU A 520 -6.52 -42.56 13.76
CA LEU A 520 -7.55 -43.19 12.96
C LEU A 520 -7.82 -44.60 13.43
N VAL A 521 -9.09 -44.92 13.63
CA VAL A 521 -9.56 -46.28 13.89
C VAL A 521 -10.49 -46.66 12.75
N LYS A 522 -10.59 -47.95 12.47
CA LYS A 522 -11.28 -48.43 11.29
C LYS A 522 -12.28 -49.51 11.68
N ASN A 523 -13.07 -49.91 10.68
CA ASN A 523 -13.79 -51.18 10.66
C ASN A 523 -14.87 -51.30 11.72
N LYS A 524 -15.37 -50.17 12.23
CA LYS A 524 -16.49 -50.19 13.16
C LYS A 524 -17.22 -48.87 13.09
N CYS A 525 -18.35 -48.79 13.79
CA CYS A 525 -19.25 -47.65 13.71
C CYS A 525 -18.85 -46.59 14.73
N VAL A 526 -18.23 -45.51 14.25
CA VAL A 526 -17.82 -44.37 15.08
C VAL A 526 -18.24 -43.09 14.37
N ASN A 527 -17.90 -41.96 14.99
CA ASN A 527 -18.02 -40.65 14.37
C ASN A 527 -16.74 -40.31 13.62
N PHE A 528 -16.81 -39.27 12.79
CA PHE A 528 -15.63 -38.85 12.05
C PHE A 528 -15.75 -37.40 11.64
N ASN A 529 -14.61 -36.72 11.57
CA ASN A 529 -14.52 -35.32 11.16
C ASN A 529 -13.24 -35.18 10.33
N PHE A 530 -13.37 -35.22 9.02
CA PHE A 530 -12.26 -34.99 8.10
C PHE A 530 -12.49 -33.63 7.45
N ASN A 531 -11.74 -32.63 7.90
CA ASN A 531 -11.79 -31.26 7.40
C ASN A 531 -13.19 -30.67 7.44
N GLY A 532 -13.76 -30.64 8.63
CA GLY A 532 -15.06 -30.02 8.81
C GLY A 532 -16.24 -30.78 8.26
N LEU A 533 -16.03 -31.96 7.70
CA LEU A 533 -17.08 -32.81 7.19
C LEU A 533 -17.36 -33.92 8.18
N THR A 534 -18.61 -34.06 8.60
CA THR A 534 -18.96 -34.88 9.74
C THR A 534 -19.76 -36.10 9.29
N GLY A 535 -20.23 -36.85 10.27
CA GLY A 535 -21.12 -37.97 10.03
C GLY A 535 -20.82 -39.11 11.01
N THR A 536 -21.38 -40.27 10.68
CA THR A 536 -21.00 -41.53 11.31
C THR A 536 -20.98 -42.62 10.26
N GLY A 537 -20.13 -43.62 10.46
CA GLY A 537 -19.98 -44.65 9.46
C GLY A 537 -18.82 -45.55 9.82
N VAL A 538 -18.64 -46.57 8.98
CA VAL A 538 -17.63 -47.59 9.21
C VAL A 538 -16.53 -47.37 8.19
N LEU A 539 -15.38 -46.90 8.66
CA LEU A 539 -14.27 -46.54 7.79
C LEU A 539 -13.53 -47.80 7.41
N THR A 540 -13.82 -48.32 6.23
CA THR A 540 -13.15 -49.52 5.75
C THR A 540 -11.79 -49.16 5.18
N GLU A 541 -11.25 -50.03 4.33
CA GLU A 541 -10.14 -49.65 3.47
C GLU A 541 -10.69 -49.59 2.05
N SER A 542 -10.20 -48.63 1.27
CA SER A 542 -10.85 -48.27 0.01
C SER A 542 -10.08 -48.74 -1.21
N ASN A 543 -10.81 -48.88 -2.30
CA ASN A 543 -10.27 -49.31 -3.58
C ASN A 543 -10.36 -48.24 -4.66
N LYS A 544 -10.88 -47.06 -4.34
CA LYS A 544 -11.10 -46.05 -5.37
C LYS A 544 -9.79 -45.38 -5.74
N LYS A 545 -9.70 -44.97 -7.00
CA LYS A 545 -8.45 -44.56 -7.64
C LYS A 545 -8.49 -43.06 -7.85
N PHE A 546 -8.15 -42.30 -6.82
CA PHE A 546 -8.23 -40.85 -6.88
C PHE A 546 -7.03 -40.29 -7.63
N LEU A 547 -7.31 -39.48 -8.63
CA LEU A 547 -6.26 -38.67 -9.23
C LEU A 547 -5.86 -37.58 -8.23
N PRO A 548 -4.58 -37.21 -8.16
CA PRO A 548 -4.05 -36.57 -6.95
C PRO A 548 -4.53 -35.16 -6.68
N PHE A 549 -5.40 -34.60 -7.51
CA PHE A 549 -6.05 -33.34 -7.19
C PHE A 549 -7.38 -33.53 -6.48
N GLN A 550 -8.03 -34.68 -6.66
CA GLN A 550 -9.32 -34.96 -6.06
C GLN A 550 -9.17 -35.30 -4.59
N GLN A 551 -10.10 -34.82 -3.76
CA GLN A 551 -10.09 -35.18 -2.34
C GLN A 551 -11.33 -35.91 -1.87
N PHE A 552 -12.53 -35.37 -2.10
CA PHE A 552 -13.74 -36.02 -1.61
C PHE A 552 -14.20 -37.08 -2.60
N GLY A 553 -15.43 -37.52 -2.48
CA GLY A 553 -15.96 -38.52 -3.38
C GLY A 553 -17.41 -38.83 -3.11
N ARG A 554 -18.24 -38.89 -4.14
CA ARG A 554 -19.68 -39.02 -3.97
C ARG A 554 -20.24 -40.08 -4.90
N ASP A 555 -21.48 -40.46 -4.62
CA ASP A 555 -22.25 -41.38 -5.44
C ASP A 555 -23.47 -40.68 -6.02
N ILE A 556 -24.32 -41.46 -6.69
CA ILE A 556 -25.54 -40.92 -7.27
C ILE A 556 -26.54 -40.48 -6.21
N ALA A 557 -26.43 -41.03 -5.00
CA ALA A 557 -27.22 -40.52 -3.88
C ALA A 557 -26.65 -39.23 -3.32
N ASP A 558 -25.49 -38.78 -3.82
CA ASP A 558 -24.97 -37.42 -3.66
C ASP A 558 -24.60 -37.11 -2.22
N THR A 559 -24.15 -38.13 -1.50
CA THR A 559 -23.61 -37.96 -0.17
C THR A 559 -22.16 -38.41 -0.17
N THR A 560 -21.43 -37.97 0.83
CA THR A 560 -20.00 -38.27 0.91
C THR A 560 -19.78 -39.73 1.23
N ASP A 561 -18.96 -40.41 0.42
CA ASP A 561 -18.74 -41.83 0.70
C ASP A 561 -17.28 -42.25 0.65
N ALA A 562 -16.40 -41.40 0.13
CA ALA A 562 -14.98 -41.70 0.07
C ALA A 562 -14.17 -40.43 0.30
N VAL A 563 -13.22 -40.50 1.24
CA VAL A 563 -12.52 -39.33 1.76
C VAL A 563 -11.04 -39.63 1.83
N ARG A 564 -10.20 -38.66 1.47
CA ARG A 564 -8.77 -38.74 1.70
C ARG A 564 -8.45 -38.23 3.09
N ASP A 565 -7.77 -39.05 3.88
CA ASP A 565 -7.28 -38.62 5.17
C ASP A 565 -6.17 -37.59 4.99
N PRO A 566 -6.34 -36.37 5.48
CA PRO A 566 -5.38 -35.30 5.13
C PRO A 566 -4.06 -35.43 5.83
N GLN A 567 -3.97 -36.21 6.90
CA GLN A 567 -2.70 -36.33 7.60
C GLN A 567 -1.81 -37.34 6.92
N THR A 568 -2.26 -38.58 6.85
CA THR A 568 -1.59 -39.64 6.12
C THR A 568 -2.43 -39.88 4.88
N LEU A 569 -1.85 -39.62 3.71
CA LEU A 569 -2.60 -39.63 2.46
C LEU A 569 -3.07 -41.04 2.14
N GLU A 570 -4.36 -41.27 2.34
CA GLU A 570 -4.92 -42.59 2.16
C GLU A 570 -6.41 -42.42 1.88
N ILE A 571 -6.94 -43.30 1.05
CA ILE A 571 -8.32 -43.24 0.63
C ILE A 571 -9.11 -44.19 1.52
N LEU A 572 -10.23 -43.70 2.06
CA LEU A 572 -11.07 -44.49 2.96
C LEU A 572 -12.49 -44.49 2.40
N ASP A 573 -13.26 -45.51 2.78
CA ASP A 573 -14.66 -45.58 2.37
C ASP A 573 -15.58 -45.41 3.55
N ILE A 574 -16.76 -44.86 3.27
CA ILE A 574 -17.76 -44.63 4.28
C ILE A 574 -18.98 -45.44 3.90
N THR A 575 -19.18 -46.53 4.60
CA THR A 575 -20.37 -47.33 4.48
C THR A 575 -21.25 -46.98 5.67
N PRO A 576 -22.55 -46.77 5.48
CA PRO A 576 -23.36 -46.25 6.58
C PRO A 576 -23.67 -47.33 7.60
N CYS A 577 -23.78 -46.91 8.86
CA CYS A 577 -24.12 -47.81 9.95
C CYS A 577 -25.58 -48.22 9.86
N ALA B 14 -7.20 -17.75 -40.68
CA ALA B 14 -7.44 -19.12 -41.12
C ALA B 14 -8.39 -19.85 -40.16
N TYR B 15 -9.42 -20.49 -40.70
CA TYR B 15 -10.50 -21.06 -39.91
C TYR B 15 -10.58 -22.56 -40.15
N THR B 16 -10.15 -23.36 -39.17
CA THR B 16 -10.34 -24.80 -39.19
C THR B 16 -11.26 -25.19 -38.04
N ASN B 17 -11.44 -26.48 -37.83
CA ASN B 17 -12.49 -26.95 -36.94
C ASN B 17 -12.01 -28.17 -36.16
N SER B 18 -12.51 -28.29 -34.92
CA SER B 18 -11.98 -29.21 -33.92
C SER B 18 -12.81 -30.47 -33.75
N PHE B 19 -14.12 -30.32 -33.86
CA PHE B 19 -15.19 -31.31 -33.92
C PHE B 19 -15.51 -32.02 -32.61
N THR B 20 -14.54 -32.22 -31.71
CA THR B 20 -14.77 -32.72 -30.35
C THR B 20 -13.52 -32.47 -29.52
N ARG B 21 -13.43 -31.36 -28.80
CA ARG B 21 -12.29 -31.14 -27.92
C ARG B 21 -12.77 -30.35 -26.72
N GLY B 22 -11.81 -30.00 -25.86
CA GLY B 22 -11.98 -28.93 -24.91
C GLY B 22 -12.56 -29.29 -23.57
N VAL B 23 -12.91 -30.54 -23.34
CA VAL B 23 -13.57 -30.91 -22.11
C VAL B 23 -12.53 -31.12 -21.02
N TYR B 24 -12.82 -30.65 -19.83
CA TYR B 24 -11.91 -30.66 -18.70
C TYR B 24 -12.74 -30.97 -17.47
N TYR B 25 -12.09 -31.51 -16.44
CA TYR B 25 -12.77 -31.84 -15.20
C TYR B 25 -13.18 -30.57 -14.46
N PRO B 26 -14.47 -30.33 -14.26
CA PRO B 26 -14.91 -29.06 -13.69
C PRO B 26 -15.01 -29.02 -12.18
N ASP B 27 -14.72 -30.13 -11.49
CA ASP B 27 -14.87 -30.18 -10.03
C ASP B 27 -13.91 -31.21 -9.46
N LYS B 28 -13.56 -31.03 -8.20
CA LYS B 28 -12.64 -31.97 -7.55
C LYS B 28 -13.37 -33.03 -6.76
N VAL B 29 -14.33 -33.69 -7.40
CA VAL B 29 -15.10 -34.75 -6.78
C VAL B 29 -14.99 -35.98 -7.66
N PHE B 30 -14.43 -37.04 -7.10
CA PHE B 30 -14.39 -38.32 -7.78
C PHE B 30 -15.78 -38.87 -7.94
N ARG B 31 -16.03 -39.50 -9.09
CA ARG B 31 -17.28 -40.19 -9.35
C ARG B 31 -16.95 -41.50 -10.04
N SER B 32 -17.97 -42.31 -10.30
CA SER B 32 -17.85 -43.50 -11.13
C SER B 32 -19.19 -43.93 -11.66
N SER B 33 -19.29 -44.12 -12.98
CA SER B 33 -20.47 -44.66 -13.68
C SER B 33 -21.71 -43.80 -13.44
N VAL B 34 -21.54 -42.50 -13.58
CA VAL B 34 -22.63 -41.55 -13.43
C VAL B 34 -22.73 -40.75 -14.72
N LEU B 35 -23.94 -40.56 -15.20
CA LEU B 35 -24.21 -39.60 -16.26
C LEU B 35 -24.57 -38.29 -15.55
N HIS B 36 -23.58 -37.39 -15.43
CA HIS B 36 -23.68 -36.18 -14.64
C HIS B 36 -23.89 -34.97 -15.55
N SER B 37 -24.63 -33.99 -15.04
CA SER B 37 -24.98 -32.78 -15.79
C SER B 37 -24.25 -31.56 -15.21
N THR B 38 -23.62 -30.78 -16.08
CA THR B 38 -22.69 -29.76 -15.61
C THR B 38 -22.82 -28.50 -16.47
N GLN B 39 -22.76 -27.34 -15.83
CA GLN B 39 -22.89 -26.06 -16.51
C GLN B 39 -21.70 -25.21 -16.12
N ASP B 40 -20.82 -24.90 -17.07
CA ASP B 40 -19.71 -23.98 -16.86
C ASP B 40 -19.32 -23.32 -18.17
N LEU B 41 -18.07 -22.84 -18.22
CA LEU B 41 -17.43 -22.41 -19.44
C LEU B 41 -16.90 -23.62 -20.20
N PHE B 42 -17.18 -23.68 -21.49
CA PHE B 42 -16.69 -24.79 -22.30
C PHE B 42 -16.38 -24.30 -23.71
N LEU B 43 -15.60 -25.09 -24.43
CA LEU B 43 -15.42 -24.85 -25.84
C LEU B 43 -16.63 -25.38 -26.58
N PRO B 44 -17.30 -24.58 -27.38
CA PRO B 44 -18.44 -25.11 -28.14
C PRO B 44 -17.98 -26.12 -29.17
N PHE B 45 -18.69 -27.24 -29.24
CA PHE B 45 -18.35 -28.27 -30.21
C PHE B 45 -18.54 -27.75 -31.62
N PHE B 46 -17.68 -28.21 -32.51
CA PHE B 46 -17.71 -27.88 -33.94
C PHE B 46 -17.62 -26.37 -34.14
N SER B 47 -16.51 -25.80 -33.67
CA SER B 47 -16.31 -24.36 -33.70
C SER B 47 -15.15 -24.01 -34.61
N ASN B 48 -15.28 -22.89 -35.32
CA ASN B 48 -14.26 -22.45 -36.26
C ASN B 48 -13.10 -21.87 -35.47
N VAL B 49 -12.15 -22.72 -35.09
CA VAL B 49 -10.98 -22.27 -34.34
C VAL B 49 -10.04 -21.57 -35.29
N THR B 50 -9.14 -20.76 -34.73
CA THR B 50 -8.44 -19.77 -35.53
C THR B 50 -6.97 -20.17 -35.64
N TRP B 51 -6.67 -21.03 -36.61
CA TRP B 51 -5.34 -21.60 -36.76
C TRP B 51 -4.34 -20.57 -37.23
N PHE B 52 -3.30 -20.35 -36.45
CA PHE B 52 -2.29 -19.36 -36.77
C PHE B 52 -1.13 -20.03 -37.50
N HIS B 53 -0.01 -19.34 -37.61
CA HIS B 53 1.09 -19.89 -38.37
C HIS B 53 2.40 -19.33 -37.83
N ALA B 54 3.41 -20.18 -37.79
CA ALA B 54 4.73 -19.81 -37.30
C ALA B 54 5.71 -19.67 -38.45
N ASP B 67 3.82 -12.29 -36.59
CA ASP B 67 4.00 -13.71 -36.39
C ASP B 67 3.50 -14.06 -34.97
N ASN B 68 3.51 -13.04 -34.11
CA ASN B 68 3.09 -13.16 -32.72
C ASN B 68 2.05 -12.10 -32.41
N PRO B 69 0.80 -12.32 -32.83
CA PRO B 69 -0.21 -11.27 -32.66
C PRO B 69 -0.68 -11.20 -31.21
N VAL B 70 -0.84 -9.98 -30.71
CA VAL B 70 -1.57 -9.79 -29.46
C VAL B 70 -3.01 -10.19 -29.74
N LEU B 71 -3.67 -10.79 -28.77
CA LEU B 71 -4.92 -11.45 -29.04
C LEU B 71 -5.99 -11.02 -28.04
N PRO B 72 -7.25 -11.19 -28.37
CA PRO B 72 -8.30 -10.99 -27.37
C PRO B 72 -8.36 -12.16 -26.40
N PHE B 73 -8.84 -11.85 -25.21
CA PHE B 73 -8.92 -12.80 -24.10
C PHE B 73 -10.15 -12.35 -23.33
N ASN B 74 -11.30 -12.96 -23.61
CA ASN B 74 -12.54 -12.54 -22.98
C ASN B 74 -12.87 -13.37 -21.75
N ASP B 75 -13.03 -14.68 -21.90
CA ASP B 75 -13.36 -15.55 -20.78
C ASP B 75 -12.22 -16.51 -20.49
N GLY B 76 -11.88 -17.33 -21.46
CA GLY B 76 -10.80 -18.27 -21.32
C GLY B 76 -10.46 -18.81 -22.68
N VAL B 77 -9.21 -19.21 -22.87
CA VAL B 77 -8.71 -19.49 -24.20
C VAL B 77 -8.25 -20.93 -24.26
N TYR B 78 -8.76 -21.65 -25.24
CA TYR B 78 -8.19 -22.93 -25.56
C TYR B 78 -6.90 -22.71 -26.33
N PHE B 79 -5.89 -23.52 -26.07
CA PHE B 79 -4.62 -23.30 -26.73
C PHE B 79 -4.00 -24.64 -27.05
N ALA B 80 -3.96 -25.00 -28.33
CA ALA B 80 -3.41 -26.27 -28.74
C ALA B 80 -2.27 -26.05 -29.71
N SER B 81 -1.18 -26.79 -29.54
CA SER B 81 -0.04 -26.64 -30.42
C SER B 81 0.58 -28.01 -30.64
N THR B 82 0.56 -28.47 -31.89
CA THR B 82 1.46 -29.54 -32.28
C THR B 82 2.90 -29.03 -32.28
N GLU B 83 3.84 -29.94 -32.09
CA GLU B 83 5.19 -29.52 -31.74
C GLU B 83 6.20 -30.57 -32.15
N LYS B 84 7.38 -30.12 -32.57
CA LYS B 84 8.48 -31.00 -32.93
C LYS B 84 9.72 -30.79 -32.07
N SER B 85 10.18 -29.56 -31.90
CA SER B 85 11.53 -29.32 -31.35
C SER B 85 11.57 -28.12 -30.42
N ASN B 86 10.65 -28.06 -29.44
CA ASN B 86 10.70 -27.12 -28.31
C ASN B 86 10.57 -25.66 -28.74
N ILE B 87 9.71 -25.41 -29.73
CA ILE B 87 9.54 -24.06 -30.25
C ILE B 87 8.74 -23.21 -29.28
N ILE B 88 7.57 -23.69 -28.86
CA ILE B 88 6.70 -22.93 -27.98
C ILE B 88 7.31 -22.83 -26.60
N ARG B 89 7.35 -21.63 -26.05
CA ARG B 89 7.97 -21.41 -24.74
C ARG B 89 6.95 -21.01 -23.69
N GLY B 90 6.20 -19.94 -23.88
CA GLY B 90 5.35 -19.50 -22.81
C GLY B 90 4.35 -18.44 -23.21
N TRP B 91 3.85 -17.68 -22.24
CA TRP B 91 2.82 -16.69 -22.54
C TRP B 91 3.06 -15.46 -21.70
N ILE B 92 2.44 -14.36 -22.10
CA ILE B 92 2.34 -13.17 -21.24
C ILE B 92 0.86 -12.81 -21.14
N PHE B 93 0.46 -12.30 -19.99
CA PHE B 93 -0.94 -11.99 -19.71
C PHE B 93 -1.01 -10.64 -19.02
N GLY B 94 -1.76 -9.72 -19.60
CA GLY B 94 -1.81 -8.38 -19.03
C GLY B 94 -2.90 -7.55 -19.69
N THR B 95 -2.90 -6.27 -19.35
CA THR B 95 -3.90 -5.33 -19.85
C THR B 95 -3.30 -4.30 -20.79
N THR B 96 -2.33 -3.52 -20.32
CA THR B 96 -1.69 -2.49 -21.12
C THR B 96 -0.38 -2.94 -21.72
N LEU B 97 0.19 -4.03 -21.20
CA LEU B 97 1.44 -4.64 -21.65
C LEU B 97 2.60 -3.68 -21.55
N GLN B 102 -0.31 -4.26 -13.29
CA GLN B 102 0.61 -5.38 -13.11
C GLN B 102 0.35 -6.38 -14.22
N SER B 103 1.26 -7.33 -14.43
CA SER B 103 1.02 -8.32 -15.48
C SER B 103 1.67 -9.64 -15.12
N LEU B 104 1.33 -10.67 -15.89
CA LEU B 104 1.61 -12.06 -15.58
C LEU B 104 2.49 -12.69 -16.63
N LEU B 105 3.44 -13.49 -16.19
CA LEU B 105 4.43 -14.10 -17.08
C LEU B 105 4.48 -15.60 -16.81
N ILE B 106 4.58 -16.39 -17.87
CA ILE B 106 4.89 -17.80 -17.77
C ILE B 106 5.97 -18.10 -18.80
N VAL B 107 7.09 -18.65 -18.36
CA VAL B 107 8.23 -18.96 -19.22
C VAL B 107 8.66 -20.39 -18.98
N ASN B 108 8.76 -21.16 -20.04
CA ASN B 108 9.41 -22.46 -19.95
C ASN B 108 10.79 -22.35 -20.58
N ASN B 112 10.93 -25.82 -13.82
CA ASN B 112 11.51 -24.99 -14.87
C ASN B 112 10.59 -23.84 -15.24
N VAL B 113 9.33 -23.94 -14.80
CA VAL B 113 8.39 -22.84 -14.97
C VAL B 113 8.85 -21.66 -14.13
N VAL B 114 8.81 -20.48 -14.71
CA VAL B 114 8.98 -19.23 -13.97
C VAL B 114 7.68 -18.46 -14.11
N ILE B 115 7.14 -18.01 -12.98
CA ILE B 115 5.95 -17.16 -12.97
C ILE B 115 6.28 -15.91 -12.18
N LYS B 116 5.97 -14.73 -12.71
CA LYS B 116 6.20 -13.49 -11.99
C LYS B 116 5.02 -12.55 -12.18
N VAL B 117 4.85 -11.65 -11.21
CA VAL B 117 3.83 -10.62 -11.27
C VAL B 117 4.45 -9.24 -11.04
N PRO B 126 7.63 -10.22 -28.43
CA PRO B 126 8.93 -10.61 -27.87
C PRO B 126 9.31 -12.00 -28.31
N PHE B 127 10.54 -12.42 -28.03
CA PHE B 127 10.94 -13.78 -28.38
C PHE B 127 12.07 -14.20 -27.46
N LEU B 128 12.14 -15.49 -27.21
CA LEU B 128 13.27 -16.08 -26.50
C LEU B 128 13.95 -17.03 -27.44
N SER B 142 18.42 -19.62 -28.14
CA SER B 142 18.33 -18.17 -28.34
C SER B 142 18.52 -17.44 -27.02
N GLU B 143 18.29 -16.13 -27.01
CA GLU B 143 18.61 -15.29 -25.88
C GLU B 143 17.35 -14.75 -25.22
N PHE B 144 17.51 -14.27 -24.00
CA PHE B 144 16.39 -13.80 -23.18
C PHE B 144 16.13 -12.33 -23.47
N ARG B 145 15.31 -12.09 -24.48
CA ARG B 145 14.93 -10.75 -24.94
C ARG B 145 13.41 -10.66 -25.01
N VAL B 146 12.75 -10.91 -23.90
CA VAL B 146 11.31 -10.70 -23.85
C VAL B 146 10.96 -9.26 -23.54
N TYR B 147 11.60 -8.64 -22.54
CA TYR B 147 11.20 -7.31 -22.14
C TYR B 147 12.43 -6.51 -21.74
N SER B 148 12.20 -5.27 -21.31
CA SER B 148 13.26 -4.41 -20.80
C SER B 148 12.99 -4.01 -19.35
N THR B 154 7.05 -10.28 -7.60
CA THR B 154 6.07 -10.00 -6.56
C THR B 154 5.14 -11.23 -6.52
N PHE B 155 5.62 -12.30 -7.16
CA PHE B 155 5.03 -13.63 -7.14
C PHE B 155 6.07 -14.57 -7.73
N GLU B 156 6.07 -15.82 -7.28
CA GLU B 156 6.98 -16.80 -7.85
C GLU B 156 6.40 -18.17 -7.64
N TYR B 157 6.69 -19.07 -8.58
CA TYR B 157 6.37 -20.48 -8.46
C TYR B 157 7.41 -21.22 -9.30
N VAL B 158 7.52 -22.52 -9.08
CA VAL B 158 8.44 -23.35 -9.86
C VAL B 158 7.90 -24.77 -9.85
N SER B 159 8.29 -25.56 -10.86
CA SER B 159 7.91 -26.96 -10.95
C SER B 159 9.02 -27.80 -11.56
N LYS B 174 4.25 -35.18 -33.45
CA LYS B 174 4.21 -36.09 -32.31
C LYS B 174 3.40 -35.53 -31.15
N ASN B 175 3.95 -34.52 -30.49
CA ASN B 175 3.31 -33.96 -29.30
C ASN B 175 2.10 -33.12 -29.67
N LEU B 176 1.14 -33.09 -28.76
CA LEU B 176 -0.06 -32.25 -28.90
C LEU B 176 -0.34 -31.66 -27.52
N ARG B 177 0.26 -30.51 -27.24
CA ARG B 177 0.01 -29.82 -26.00
C ARG B 177 -1.29 -29.05 -26.12
N GLU B 178 -2.19 -29.25 -25.15
CA GLU B 178 -3.50 -28.61 -25.16
C GLU B 178 -3.71 -27.94 -23.83
N PHE B 179 -3.80 -26.62 -23.81
CA PHE B 179 -4.03 -25.96 -22.55
C PHE B 179 -5.40 -25.31 -22.56
N VAL B 180 -5.96 -25.12 -21.37
CA VAL B 180 -7.13 -24.27 -21.17
C VAL B 180 -6.87 -23.41 -19.95
N PHE B 181 -6.97 -22.10 -20.10
CA PHE B 181 -6.84 -21.21 -18.97
C PHE B 181 -8.22 -20.72 -18.56
N LYS B 182 -8.29 -20.07 -17.40
CA LYS B 182 -9.45 -19.28 -16.99
C LYS B 182 -8.93 -18.13 -16.15
N ASN B 183 -9.83 -17.19 -15.88
CA ASN B 183 -9.55 -16.16 -14.87
C ASN B 183 -10.90 -15.77 -14.29
N ILE B 184 -11.27 -16.43 -13.20
CA ILE B 184 -12.50 -16.11 -12.49
C ILE B 184 -12.19 -16.03 -11.00
N ASP B 185 -12.83 -15.06 -10.34
CA ASP B 185 -13.01 -15.01 -8.89
C ASP B 185 -11.68 -14.88 -8.15
N GLY B 186 -10.79 -14.04 -8.68
CA GLY B 186 -9.52 -13.79 -8.03
C GLY B 186 -8.48 -14.88 -8.17
N TYR B 187 -8.81 -16.00 -8.80
CA TYR B 187 -7.89 -17.10 -9.00
C TYR B 187 -7.63 -17.31 -10.48
N PHE B 188 -6.44 -17.78 -10.82
CA PHE B 188 -6.06 -18.06 -12.18
C PHE B 188 -5.83 -19.56 -12.32
N LYS B 189 -6.55 -20.20 -13.24
CA LYS B 189 -6.62 -21.65 -13.32
C LYS B 189 -6.00 -22.15 -14.62
N ILE B 190 -5.35 -23.30 -14.55
CA ILE B 190 -4.74 -23.92 -15.72
C ILE B 190 -5.10 -25.41 -15.74
N TYR B 191 -5.71 -25.87 -16.82
CA TYR B 191 -5.99 -27.28 -17.01
C TYR B 191 -5.14 -27.77 -18.16
N SER B 192 -4.59 -28.99 -18.06
CA SER B 192 -3.54 -29.39 -18.99
C SER B 192 -3.68 -30.85 -19.40
N LYS B 193 -3.07 -31.17 -20.54
CA LYS B 193 -2.96 -32.51 -21.13
C LYS B 193 -2.01 -32.42 -22.31
N HIS B 194 -1.18 -33.43 -22.49
CA HIS B 194 -0.47 -33.54 -23.77
C HIS B 194 -0.26 -34.99 -24.15
N THR B 195 -0.65 -35.33 -25.37
CA THR B 195 -0.81 -36.68 -25.90
C THR B 195 -0.01 -36.86 -27.17
N PRO B 196 0.28 -38.10 -27.56
CA PRO B 196 0.90 -38.33 -28.87
C PRO B 196 -0.10 -38.29 -30.00
N ILE B 197 0.42 -38.01 -31.21
CA ILE B 197 -0.38 -37.99 -32.42
C ILE B 197 0.57 -38.23 -33.59
N ASN B 198 0.05 -38.78 -34.67
CA ASN B 198 0.84 -38.98 -35.89
C ASN B 198 -0.01 -38.70 -37.12
N ASP B 202 -5.01 -33.14 -38.55
CA ASP B 202 -4.57 -32.02 -37.74
C ASP B 202 -5.02 -32.21 -36.30
N LEU B 203 -6.33 -32.12 -36.08
CA LEU B 203 -6.90 -32.40 -34.78
C LEU B 203 -7.86 -33.57 -34.90
N PRO B 204 -7.69 -34.64 -34.14
CA PRO B 204 -8.37 -35.90 -34.43
C PRO B 204 -9.81 -35.91 -33.95
N GLN B 205 -10.39 -37.10 -33.97
CA GLN B 205 -11.68 -37.36 -33.33
C GLN B 205 -11.53 -37.84 -31.89
N GLY B 206 -10.29 -37.98 -31.41
CA GLY B 206 -10.07 -38.49 -30.09
C GLY B 206 -10.54 -37.53 -29.01
N PHE B 207 -10.78 -38.09 -27.83
CA PHE B 207 -11.47 -37.37 -26.77
C PHE B 207 -10.69 -37.54 -25.47
N SER B 208 -10.01 -36.50 -25.05
CA SER B 208 -9.28 -36.48 -23.79
C SER B 208 -9.92 -35.47 -22.83
N ALA B 209 -9.35 -35.40 -21.64
CA ALA B 209 -9.78 -34.45 -20.64
C ALA B 209 -8.54 -33.82 -20.01
N LEU B 210 -8.72 -32.66 -19.41
CA LEU B 210 -7.60 -31.86 -18.96
C LEU B 210 -7.61 -31.74 -17.44
N GLU B 211 -6.62 -32.35 -16.80
CA GLU B 211 -6.53 -32.27 -15.35
C GLU B 211 -6.10 -30.88 -14.92
N PRO B 212 -6.53 -30.42 -13.76
CA PRO B 212 -6.01 -29.17 -13.23
C PRO B 212 -4.57 -29.33 -12.83
N LEU B 213 -3.77 -28.34 -13.18
CA LEU B 213 -2.33 -28.40 -13.02
C LEU B 213 -1.80 -27.45 -11.99
N VAL B 214 -2.38 -26.26 -11.86
CA VAL B 214 -1.94 -25.30 -10.86
C VAL B 214 -3.12 -24.41 -10.55
N ASP B 215 -3.04 -23.68 -9.44
CA ASP B 215 -4.01 -22.66 -9.09
C ASP B 215 -3.24 -21.44 -8.60
N LEU B 216 -3.41 -20.31 -9.28
CA LEU B 216 -2.61 -19.12 -9.00
C LEU B 216 -3.46 -17.98 -8.51
N PRO B 217 -3.44 -17.67 -7.22
CA PRO B 217 -4.23 -16.55 -6.71
C PRO B 217 -3.56 -15.18 -6.90
N ILE B 218 -3.73 -14.58 -8.07
CA ILE B 218 -3.20 -13.24 -8.31
C ILE B 218 -4.28 -12.21 -8.58
N GLY B 219 -5.45 -12.61 -9.09
CA GLY B 219 -6.63 -11.76 -9.13
C GLY B 219 -6.55 -10.47 -9.92
N ILE B 220 -6.09 -10.53 -11.16
CA ILE B 220 -5.85 -9.34 -11.94
C ILE B 220 -6.84 -9.28 -13.11
N ASN B 221 -6.68 -8.24 -13.92
CA ASN B 221 -7.56 -7.97 -15.06
C ASN B 221 -6.80 -8.38 -16.33
N ILE B 222 -6.97 -9.62 -16.74
CA ILE B 222 -6.37 -10.09 -17.98
C ILE B 222 -7.39 -9.97 -19.09
N THR B 223 -7.05 -9.24 -20.14
CA THR B 223 -7.91 -9.10 -21.30
C THR B 223 -7.19 -9.30 -22.63
N ARG B 224 -5.87 -9.30 -22.66
CA ARG B 224 -5.13 -9.56 -23.88
C ARG B 224 -3.89 -10.38 -23.54
N PHE B 225 -3.63 -11.42 -24.35
CA PHE B 225 -2.45 -12.25 -24.16
C PHE B 225 -1.66 -12.31 -25.45
N GLN B 226 -0.40 -12.72 -25.34
CA GLN B 226 0.51 -12.82 -26.46
C GLN B 226 1.43 -14.00 -26.24
N THR B 227 1.51 -14.88 -27.24
CA THR B 227 2.36 -16.06 -27.15
C THR B 227 3.83 -15.70 -27.30
N LEU B 228 4.70 -16.58 -26.85
CA LEU B 228 6.13 -16.37 -27.02
C LEU B 228 6.73 -17.47 -27.88
N LEU B 229 7.89 -17.20 -28.45
CA LEU B 229 8.51 -18.17 -29.34
C LEU B 229 10.02 -18.24 -29.12
N ALA B 230 10.62 -19.19 -29.82
CA ALA B 230 12.07 -19.36 -29.87
C ALA B 230 12.65 -18.50 -30.98
N TYR B 252 0.04 -23.30 -34.10
CA TYR B 252 -0.85 -23.52 -32.97
C TYR B 252 -2.29 -23.07 -33.24
N TYR B 253 -3.13 -23.12 -32.20
CA TYR B 253 -4.57 -22.98 -32.34
C TYR B 253 -5.07 -22.09 -31.23
N VAL B 254 -6.15 -21.37 -31.47
CA VAL B 254 -6.84 -20.61 -30.41
C VAL B 254 -8.34 -20.73 -30.63
N GLY B 255 -9.06 -21.19 -29.61
CA GLY B 255 -10.49 -21.06 -29.56
C GLY B 255 -10.93 -20.09 -28.48
N TYR B 256 -12.23 -20.10 -28.18
CA TYR B 256 -12.78 -19.24 -27.14
C TYR B 256 -13.89 -19.97 -26.43
N LEU B 257 -14.00 -19.72 -25.12
CA LEU B 257 -14.93 -20.45 -24.27
C LEU B 257 -16.23 -19.68 -24.14
N GLN B 258 -17.33 -20.32 -24.52
CA GLN B 258 -18.65 -19.75 -24.33
C GLN B 258 -19.31 -20.42 -23.14
N PRO B 259 -20.10 -19.70 -22.36
CA PRO B 259 -20.83 -20.35 -21.26
C PRO B 259 -21.89 -21.32 -21.74
N ARG B 260 -21.65 -22.61 -21.53
CA ARG B 260 -22.50 -23.67 -22.07
C ARG B 260 -22.96 -24.64 -21.00
N THR B 261 -23.53 -25.78 -21.40
CA THR B 261 -24.14 -26.73 -20.48
C THR B 261 -23.94 -28.14 -21.02
N PHE B 262 -23.05 -28.92 -20.43
CA PHE B 262 -22.81 -30.27 -20.92
C PHE B 262 -23.38 -31.33 -20.00
N LEU B 263 -23.36 -32.56 -20.50
CA LEU B 263 -23.63 -33.74 -19.71
C LEU B 263 -22.49 -34.69 -19.93
N LEU B 264 -21.92 -35.21 -18.85
CA LEU B 264 -20.69 -35.97 -18.93
C LEU B 264 -20.91 -37.39 -18.40
N LYS B 265 -20.06 -38.31 -18.86
CA LYS B 265 -20.13 -39.71 -18.47
C LYS B 265 -18.76 -40.17 -17.99
N TYR B 266 -18.71 -40.66 -16.75
CA TYR B 266 -17.50 -41.23 -16.20
C TYR B 266 -17.55 -42.74 -16.36
N ASN B 267 -16.38 -43.36 -16.51
CA ASN B 267 -16.32 -44.81 -16.65
C ASN B 267 -16.35 -45.46 -15.28
N GLU B 268 -15.89 -46.70 -15.22
CA GLU B 268 -15.75 -47.36 -13.93
C GLU B 268 -14.65 -46.73 -13.10
N ASN B 269 -13.49 -46.46 -13.72
CA ASN B 269 -12.34 -45.99 -12.97
C ASN B 269 -12.44 -44.54 -12.56
N GLY B 270 -13.36 -43.78 -13.14
CA GLY B 270 -13.47 -42.38 -12.79
C GLY B 270 -12.77 -41.49 -13.78
N THR B 271 -13.00 -41.74 -15.06
CA THR B 271 -12.36 -41.04 -16.15
C THR B 271 -13.41 -40.75 -17.22
N ILE B 272 -13.35 -39.57 -17.81
CA ILE B 272 -14.32 -39.17 -18.81
C ILE B 272 -13.97 -39.84 -20.13
N THR B 273 -14.96 -40.47 -20.78
CA THR B 273 -14.78 -41.10 -22.07
C THR B 273 -15.62 -40.49 -23.18
N ASP B 274 -16.66 -39.75 -22.86
CA ASP B 274 -17.55 -39.17 -23.85
C ASP B 274 -18.32 -38.01 -23.26
N ALA B 275 -18.60 -37.01 -24.08
CA ALA B 275 -19.34 -35.85 -23.65
C ALA B 275 -20.52 -35.62 -24.57
N VAL B 276 -21.68 -35.37 -23.98
CA VAL B 276 -22.89 -35.07 -24.72
C VAL B 276 -23.12 -33.57 -24.66
N ASP B 277 -23.32 -32.96 -25.83
CA ASP B 277 -23.59 -31.53 -25.93
C ASP B 277 -25.11 -31.33 -25.92
N CYS B 278 -25.59 -30.49 -25.01
CA CYS B 278 -27.02 -30.30 -24.82
C CYS B 278 -27.49 -28.93 -25.30
N ALA B 279 -26.58 -28.09 -25.81
CA ALA B 279 -26.98 -26.78 -26.31
C ALA B 279 -26.42 -26.47 -27.68
N LEU B 280 -26.09 -27.48 -28.47
CA LEU B 280 -25.51 -27.32 -29.80
C LEU B 280 -26.53 -26.79 -30.81
N GLN C 2 7.19 13.12 -10.40
CA GLN C 2 6.41 14.04 -9.59
C GLN C 2 7.29 14.91 -8.71
N LEU C 3 6.98 16.19 -8.66
CA LEU C 3 7.74 17.16 -7.87
C LEU C 3 6.86 18.38 -7.67
N LEU C 4 7.30 19.25 -6.77
CA LEU C 4 6.61 20.49 -6.45
C LEU C 4 7.59 21.64 -6.63
N GLU C 5 7.38 22.44 -7.66
CA GLU C 5 8.25 23.57 -7.94
C GLU C 5 7.58 24.86 -7.49
N GLU C 6 8.32 25.73 -6.81
CA GLU C 6 7.81 27.01 -6.37
C GLU C 6 8.45 28.11 -7.20
N SER C 7 7.63 29.00 -7.74
CA SER C 7 8.12 30.27 -8.23
C SER C 7 7.94 31.27 -7.12
N GLY C 8 8.13 32.55 -7.43
CA GLY C 8 7.86 33.55 -6.44
C GLY C 8 9.06 34.42 -6.15
N GLY C 9 8.79 35.62 -5.66
CA GLY C 9 9.74 36.69 -5.62
C GLY C 9 10.93 36.52 -4.70
N GLY C 10 11.80 37.52 -4.67
CA GLY C 10 12.99 37.41 -3.87
C GLY C 10 13.32 38.61 -3.02
N ALA C 11 12.66 39.73 -3.26
CA ALA C 11 13.02 40.97 -2.58
C ALA C 11 11.87 41.94 -2.67
N VAL C 12 11.46 42.50 -1.52
CA VAL C 12 10.43 43.54 -1.47
C VAL C 12 10.79 44.56 -0.40
N GLN C 13 10.16 45.71 -0.48
CA GLN C 13 10.22 46.71 0.57
C GLN C 13 9.44 46.22 1.79
N PRO C 14 9.68 46.80 2.97
CA PRO C 14 8.80 46.52 4.10
C PRO C 14 7.43 47.12 3.91
N GLY C 15 6.40 46.32 4.19
CA GLY C 15 5.05 46.81 4.11
C GLY C 15 4.42 46.72 2.74
N ARG C 16 4.79 45.73 1.95
CA ARG C 16 4.20 45.53 0.63
C ARG C 16 3.69 44.10 0.48
N SER C 17 3.44 43.67 -0.74
CA SER C 17 2.81 42.39 -0.99
C SER C 17 3.60 41.56 -1.98
N LEU C 18 3.47 40.24 -1.88
CA LEU C 18 4.11 39.33 -2.81
C LEU C 18 3.16 38.15 -2.97
N ARG C 19 3.28 37.44 -4.09
CA ARG C 19 2.41 36.30 -4.35
C ARG C 19 3.22 35.12 -4.86
N LEU C 20 3.26 34.06 -4.06
CA LEU C 20 4.07 32.86 -4.31
C LEU C 20 3.26 31.87 -5.14
N SER C 21 3.90 30.78 -5.56
CA SER C 21 3.19 29.76 -6.30
C SER C 21 3.80 28.41 -5.99
N CYS C 22 3.11 27.35 -6.44
CA CYS C 22 3.59 25.99 -6.27
C CYS C 22 2.90 25.16 -7.32
N GLU C 23 3.64 24.69 -8.31
CA GLU C 23 3.07 24.07 -9.50
C GLU C 23 3.32 22.57 -9.42
N ALA C 24 2.36 21.84 -8.91
CA ALA C 24 2.54 20.41 -8.82
C ALA C 24 2.31 19.78 -10.18
N SER C 25 2.99 18.67 -10.42
CA SER C 25 3.00 18.07 -11.74
C SER C 25 3.28 16.58 -11.59
N GLY C 26 2.38 15.75 -12.11
CA GLY C 26 2.59 14.32 -12.14
C GLY C 26 1.76 13.48 -11.20
N PHE C 27 0.83 14.06 -10.46
CA PHE C 27 -0.05 13.28 -9.59
C PHE C 27 -1.42 13.93 -9.56
N SER C 28 -2.32 13.34 -8.78
CA SER C 28 -3.68 13.85 -8.62
C SER C 28 -3.65 14.96 -7.58
N PHE C 29 -3.85 16.19 -8.04
CA PHE C 29 -3.60 17.31 -7.14
C PHE C 29 -4.73 17.49 -6.14
N ASN C 30 -5.96 17.20 -6.53
CA ASN C 30 -7.08 17.65 -5.74
C ASN C 30 -7.38 16.77 -4.55
N SER C 31 -6.72 15.63 -4.40
CA SER C 31 -7.05 14.71 -3.34
C SER C 31 -6.15 14.85 -2.13
N TYR C 32 -5.27 15.84 -2.09
CA TYR C 32 -4.33 15.99 -1.00
C TYR C 32 -4.55 17.34 -0.33
N GLY C 33 -4.00 17.49 0.86
CA GLY C 33 -3.97 18.77 1.53
C GLY C 33 -2.61 19.38 1.30
N MET C 34 -2.52 20.71 1.40
CA MET C 34 -1.32 21.42 1.03
C MET C 34 -0.97 22.46 2.07
N HIS C 35 0.31 22.51 2.44
CA HIS C 35 0.82 23.25 3.58
C HIS C 35 1.96 24.14 3.12
N TRP C 36 2.29 25.16 3.92
CA TRP C 36 3.45 26.03 3.68
C TRP C 36 4.31 26.08 4.93
N VAL C 37 5.61 25.84 4.79
CA VAL C 37 6.53 25.74 5.91
C VAL C 37 7.76 26.59 5.58
N ARG C 38 8.15 27.49 6.49
CA ARG C 38 9.26 28.41 6.24
C ARG C 38 10.44 28.14 7.16
N GLN C 39 11.51 28.91 6.99
CA GLN C 39 12.76 28.64 7.73
C GLN C 39 13.61 29.89 7.77
N ALA C 40 13.67 30.54 8.93
CA ALA C 40 14.54 31.69 9.13
C ALA C 40 15.99 31.23 9.10
N PRO C 41 16.95 32.09 8.66
CA PRO C 41 18.27 31.58 8.30
C PRO C 41 19.12 31.14 9.49
N GLY C 42 19.33 29.84 9.63
CA GLY C 42 20.02 29.27 10.76
C GLY C 42 19.13 28.87 11.91
N LYS C 43 17.83 28.81 11.70
CA LYS C 43 16.87 28.54 12.74
C LYS C 43 16.07 27.30 12.37
N GLY C 44 15.16 26.93 13.24
CA GLY C 44 14.35 25.75 13.00
C GLY C 44 13.23 26.03 12.04
N LEU C 45 12.52 24.97 11.69
CA LEU C 45 11.37 25.07 10.82
C LEU C 45 10.22 25.75 11.55
N GLU C 46 9.18 26.13 10.80
CA GLU C 46 8.03 26.82 11.37
C GLU C 46 6.85 26.70 10.43
N TRP C 47 5.67 26.45 10.95
CA TRP C 47 4.50 26.18 10.14
C TRP C 47 3.71 27.46 9.89
N VAL C 48 3.22 27.62 8.66
CA VAL C 48 2.65 28.89 8.22
C VAL C 48 1.18 28.79 7.82
N ALA C 49 0.83 27.96 6.85
CA ALA C 49 -0.56 27.89 6.42
C ALA C 49 -0.92 26.49 5.94
N ALA C 50 -2.21 26.27 5.71
CA ALA C 50 -2.71 25.01 5.16
C ALA C 50 -4.10 25.19 4.57
N ILE C 51 -4.39 24.46 3.51
CA ILE C 51 -5.68 24.48 2.84
C ILE C 51 -6.06 23.04 2.53
N TRP C 52 -7.35 22.74 2.55
CA TRP C 52 -7.84 21.38 2.40
C TRP C 52 -8.87 21.32 1.28
N TYR C 53 -9.69 20.27 1.32
CA TYR C 53 -10.49 19.86 0.17
C TYR C 53 -11.60 20.84 -0.14
N SER C 54 -12.22 21.42 0.88
CA SER C 54 -13.49 22.10 0.68
C SER C 54 -13.34 23.48 0.06
N GLY C 55 -12.18 24.11 0.20
CA GLY C 55 -11.99 25.43 -0.33
C GLY C 55 -12.40 26.55 0.59
N SER C 56 -13.02 26.24 1.72
CA SER C 56 -13.33 27.24 2.72
C SER C 56 -12.88 26.84 4.11
N ASP C 57 -12.05 25.81 4.22
CA ASP C 57 -11.45 25.38 5.48
C ASP C 57 -9.93 25.50 5.41
N ARG C 58 -9.37 26.29 6.31
CA ARG C 58 -7.97 26.66 6.23
C ARG C 58 -7.51 27.15 7.59
N ASP C 59 -6.20 27.10 7.80
CA ASP C 59 -5.61 27.51 9.06
C ASP C 59 -4.35 28.33 8.84
N TYR C 60 -3.97 29.06 9.88
CA TYR C 60 -2.82 29.93 9.82
C TYR C 60 -2.11 29.84 11.17
N ALA C 61 -0.96 30.49 11.26
CA ALA C 61 -0.20 30.44 12.49
C ALA C 61 -0.79 31.41 13.50
N ASP C 62 -0.07 31.60 14.60
CA ASP C 62 -0.48 32.61 15.56
C ASP C 62 -0.13 34.00 15.06
N SER C 63 1.06 34.15 14.49
CA SER C 63 1.54 35.46 14.08
C SER C 63 0.87 35.92 12.80
N VAL C 64 0.99 35.12 11.74
CA VAL C 64 0.61 35.60 10.43
C VAL C 64 -0.89 35.59 10.19
N LYS C 65 -1.71 35.20 11.16
CA LYS C 65 -3.13 35.08 10.87
C LYS C 65 -3.79 36.44 10.82
N GLY C 66 -4.44 36.70 9.71
CA GLY C 66 -4.89 38.04 9.40
C GLY C 66 -3.97 38.79 8.46
N ARG C 67 -2.94 38.15 7.94
CA ARG C 67 -2.06 38.83 6.99
C ARG C 67 -1.86 38.02 5.72
N PHE C 68 -1.95 36.69 5.82
CA PHE C 68 -1.75 35.85 4.64
C PHE C 68 -3.10 35.35 4.16
N SER C 69 -3.10 34.67 3.01
CA SER C 69 -4.36 34.22 2.43
C SER C 69 -4.10 33.06 1.48
N ILE C 70 -4.26 31.84 1.94
CA ILE C 70 -3.96 30.68 1.11
C ILE C 70 -5.19 30.28 0.31
N SER C 71 -4.97 29.88 -0.94
CA SER C 71 -6.02 29.45 -1.83
C SER C 71 -5.43 28.58 -2.92
N ARG C 72 -6.19 27.63 -3.39
CA ARG C 72 -5.72 26.72 -4.42
C ARG C 72 -6.56 26.91 -5.67
N ASP C 73 -6.29 26.09 -6.67
CA ASP C 73 -7.01 26.19 -7.95
C ASP C 73 -6.86 24.84 -8.65
N ASN C 74 -7.84 23.95 -8.50
CA ASN C 74 -7.65 22.54 -8.84
C ASN C 74 -7.58 22.28 -10.34
N SER C 75 -7.63 23.29 -11.19
CA SER C 75 -7.59 23.09 -12.63
C SER C 75 -6.18 23.28 -13.19
N LYS C 76 -5.49 24.32 -12.75
CA LYS C 76 -4.13 24.59 -13.17
C LYS C 76 -3.09 23.92 -12.31
N ASN C 77 -3.52 23.11 -11.33
CA ASN C 77 -2.68 22.38 -10.39
C ASN C 77 -1.76 23.30 -9.60
N THR C 78 -2.29 24.42 -9.14
CA THR C 78 -1.46 25.39 -8.45
C THR C 78 -1.99 25.70 -7.06
N LEU C 79 -1.09 26.19 -6.23
CA LEU C 79 -1.34 26.55 -4.84
C LEU C 79 -0.78 27.93 -4.62
N TYR C 80 -1.55 28.85 -4.05
CA TYR C 80 -1.06 30.20 -3.94
C TYR C 80 -0.97 30.63 -2.49
N LEU C 81 -0.11 31.59 -2.22
CA LEU C 81 -0.04 32.26 -0.94
C LEU C 81 0.07 33.75 -1.22
N GLN C 82 -0.71 34.55 -0.52
CA GLN C 82 -0.80 35.99 -0.80
C GLN C 82 -0.42 36.74 0.47
N MET C 83 0.83 37.12 0.57
CA MET C 83 1.30 37.83 1.75
C MET C 83 0.97 39.31 1.63
N ASN C 84 0.48 39.91 2.70
CA ASN C 84 0.18 41.33 2.71
C ASN C 84 0.70 41.94 4.00
N SER C 85 1.20 43.18 3.88
CA SER C 85 1.72 44.00 4.99
C SER C 85 2.86 43.29 5.72
N LEU C 86 3.96 43.10 5.00
CA LEU C 86 5.08 42.33 5.49
C LEU C 86 5.80 43.10 6.59
N ARG C 87 6.36 42.34 7.53
CA ARG C 87 7.17 42.88 8.60
C ARG C 87 8.61 42.60 8.31
N ALA C 88 9.47 42.92 9.27
CA ALA C 88 10.90 42.75 9.07
C ALA C 88 11.28 41.29 9.09
N GLU C 89 10.77 40.54 10.07
CA GLU C 89 11.21 39.18 10.35
C GLU C 89 10.39 38.12 9.60
N ASP C 90 9.70 38.49 8.53
CA ASP C 90 9.08 37.51 7.64
C ASP C 90 10.01 37.12 6.50
N THR C 91 11.31 37.08 6.74
CA THR C 91 12.28 36.70 5.72
C THR C 91 12.75 35.28 5.95
N ALA C 92 12.64 34.45 4.92
CA ALA C 92 12.91 33.02 5.07
C ALA C 92 13.03 32.36 3.70
N VAL C 93 13.01 31.04 3.73
CA VAL C 93 12.89 30.18 2.55
C VAL C 93 11.58 29.45 2.69
N TYR C 94 10.72 29.50 1.67
CA TYR C 94 9.37 28.95 1.83
C TYR C 94 9.20 27.67 1.02
N TYR C 95 8.58 26.67 1.63
CA TYR C 95 8.42 25.35 1.04
C TYR C 95 6.94 25.01 0.93
N CYS C 96 6.57 24.21 -0.05
CA CYS C 96 5.22 23.65 -0.10
C CYS C 96 5.33 22.13 0.02
N ALA C 97 4.41 21.52 0.76
CA ALA C 97 4.46 20.11 1.11
C ALA C 97 3.06 19.54 1.07
N ARG C 98 2.95 18.23 0.83
CA ARG C 98 1.64 17.61 0.65
C ARG C 98 1.38 16.57 1.72
N ASP C 99 0.21 16.58 2.33
CA ASP C 99 -0.10 15.53 3.29
C ASP C 99 -1.28 14.68 2.82
N PRO C 100 -1.13 13.39 2.70
CA PRO C 100 -2.21 12.56 2.18
C PRO C 100 -3.31 12.35 3.19
N HIS C 101 -4.35 11.62 2.82
CA HIS C 101 -5.36 11.20 3.77
C HIS C 101 -5.39 9.68 3.80
N CYS C 102 -5.94 9.14 4.87
CA CYS C 102 -5.74 7.74 5.20
C CYS C 102 -6.41 6.78 4.24
N THR C 103 -5.59 6.08 3.44
CA THR C 103 -6.04 4.96 2.64
C THR C 103 -5.25 3.70 2.94
N GLY C 104 -4.42 3.71 3.99
CA GLY C 104 -3.66 2.53 4.36
C GLY C 104 -2.18 2.83 4.51
N GLY C 105 -1.67 3.78 3.74
CA GLY C 105 -0.25 4.07 3.68
C GLY C 105 0.20 5.10 4.68
N VAL C 106 0.67 6.27 4.22
CA VAL C 106 1.03 7.37 5.11
C VAL C 106 -0.20 8.22 5.37
N CYS C 107 -0.20 8.91 6.49
CA CYS C 107 -1.27 9.83 6.82
C CYS C 107 -0.70 10.98 7.61
N ASP C 108 -1.18 12.19 7.30
CA ASP C 108 -0.92 13.51 7.87
C ASP C 108 0.49 13.71 8.40
N ALA C 109 1.44 13.30 7.60
CA ALA C 109 2.85 13.58 7.78
C ALA C 109 3.22 13.98 6.39
N PHE C 110 3.45 15.27 6.16
CA PHE C 110 3.77 15.69 4.82
C PHE C 110 5.10 15.16 4.35
N ASP C 111 5.05 14.31 3.33
CA ASP C 111 6.17 13.51 2.90
C ASP C 111 6.89 14.02 1.68
N LEU C 112 6.19 14.58 0.71
CA LEU C 112 6.82 15.14 -0.48
C LEU C 112 6.94 16.64 -0.31
N TRP C 113 8.10 17.18 -0.65
CA TRP C 113 8.43 18.58 -0.41
C TRP C 113 8.81 19.28 -1.71
N GLY C 114 9.35 20.48 -1.57
CA GLY C 114 9.63 21.32 -2.72
C GLY C 114 10.99 21.99 -2.70
N GLN C 115 11.19 22.94 -3.61
CA GLN C 115 12.51 23.55 -3.81
C GLN C 115 12.83 24.54 -2.72
N GLY C 116 12.03 25.59 -2.61
CA GLY C 116 12.32 26.69 -1.72
C GLY C 116 12.60 27.96 -2.47
N THR C 117 11.91 29.05 -2.14
CA THR C 117 12.12 30.35 -2.78
C THR C 117 12.40 31.38 -1.71
N MET C 118 13.60 31.95 -1.73
CA MET C 118 14.02 32.92 -0.74
C MET C 118 13.18 34.18 -0.84
N VAL C 119 12.83 34.74 0.32
CA VAL C 119 12.10 36.00 0.41
C VAL C 119 12.89 36.90 1.33
N THR C 120 13.33 38.04 0.82
CA THR C 120 14.12 38.98 1.60
C THR C 120 13.30 40.25 1.82
N VAL C 121 13.13 40.63 3.07
CA VAL C 121 12.38 41.84 3.39
C VAL C 121 13.31 42.79 4.11
N SER C 122 13.70 43.86 3.43
CA SER C 122 14.60 44.86 3.97
C SER C 122 14.39 46.15 3.21
N SER C 123 15.00 47.22 3.72
CA SER C 123 14.91 48.54 3.11
C SER C 123 16.06 48.82 2.16
N ALA C 124 16.99 47.89 1.99
CA ALA C 124 18.14 48.12 1.15
C ALA C 124 17.76 48.06 -0.33
N SER C 125 18.68 48.50 -1.17
CA SER C 125 18.49 48.48 -2.61
C SER C 125 19.56 47.60 -3.25
N THR C 126 19.24 47.07 -4.43
CA THR C 126 20.05 46.04 -5.06
C THR C 126 21.42 46.55 -5.50
N LYS C 127 22.47 46.01 -4.92
CA LYS C 127 23.82 46.54 -5.05
C LYS C 127 24.78 45.41 -5.34
N GLY C 128 25.76 45.67 -6.20
CA GLY C 128 26.82 44.73 -6.45
C GLY C 128 27.93 44.86 -5.43
N PRO C 129 28.89 43.96 -5.46
CA PRO C 129 29.92 43.96 -4.42
C PRO C 129 31.11 44.85 -4.74
N SER C 130 32.12 44.83 -3.86
CA SER C 130 33.38 45.55 -4.07
C SER C 130 34.50 44.62 -3.60
N VAL C 131 34.99 43.78 -4.51
CA VAL C 131 35.94 42.75 -4.14
C VAL C 131 37.30 43.36 -3.89
N PHE C 132 37.86 43.11 -2.70
CA PHE C 132 39.17 43.58 -2.33
C PHE C 132 40.10 42.38 -2.19
N PRO C 133 41.30 42.40 -2.75
CA PRO C 133 42.22 41.28 -2.54
C PRO C 133 42.91 41.36 -1.21
N GLY C 134 43.33 40.21 -0.70
CA GLY C 134 43.99 40.12 0.58
C GLY C 134 45.48 40.31 0.50
N ALA C 135 46.25 39.39 1.09
CA ALA C 135 47.71 39.48 1.06
C ALA C 135 48.37 38.12 1.12
N LEU C 148 45.94 34.36 1.59
CA LEU C 148 45.32 34.90 0.38
C LEU C 148 43.82 34.68 0.41
N GLY C 149 43.04 35.71 0.07
CA GLY C 149 41.60 35.59 0.17
C GLY C 149 40.89 36.84 -0.29
N CYS C 150 39.57 36.75 -0.30
CA CYS C 150 38.68 37.80 -0.76
C CYS C 150 37.96 38.44 0.41
N LEU C 151 37.44 39.63 0.19
CA LEU C 151 36.64 40.34 1.19
C LEU C 151 35.44 40.94 0.49
N VAL C 152 34.64 40.09 -0.17
CA VAL C 152 33.43 40.51 -0.87
C VAL C 152 32.49 41.24 0.10
N LYS C 153 32.31 42.53 -0.11
CA LYS C 153 31.73 43.40 0.90
C LYS C 153 30.64 44.28 0.30
N ASP C 154 29.57 44.48 1.09
CA ASP C 154 28.49 45.44 0.86
C ASP C 154 27.70 45.12 -0.41
N TYR C 155 27.10 43.94 -0.42
CA TYR C 155 26.19 43.58 -1.50
C TYR C 155 24.80 43.34 -0.92
N PHE C 156 23.86 43.02 -1.82
CA PHE C 156 22.46 42.72 -1.50
C PHE C 156 21.81 42.13 -2.75
N PRO C 157 20.98 41.10 -2.63
CA PRO C 157 20.74 40.17 -1.53
C PRO C 157 21.50 38.87 -1.79
N GLU C 158 21.35 37.89 -0.91
CA GLU C 158 21.95 36.58 -1.14
C GLU C 158 21.27 35.90 -2.32
N PRO C 159 21.95 34.96 -3.00
CA PRO C 159 23.31 34.41 -2.88
C PRO C 159 24.32 34.99 -3.87
N VAL C 160 25.60 34.61 -3.71
CA VAL C 160 26.70 34.99 -4.58
C VAL C 160 27.83 34.00 -4.43
N THR C 161 28.39 33.52 -5.54
CA THR C 161 29.36 32.44 -5.51
C THR C 161 30.78 32.97 -5.68
N VAL C 162 31.74 32.24 -5.11
CA VAL C 162 33.15 32.57 -5.22
C VAL C 162 33.90 31.30 -5.59
N SER C 163 34.77 31.40 -6.59
CA SER C 163 35.62 30.29 -7.02
C SER C 163 36.92 30.23 -6.23
N VAL C 173 40.66 25.75 -0.01
CA VAL C 173 39.57 26.63 -0.44
C VAL C 173 38.42 26.60 0.57
N HIS C 174 38.23 27.72 1.26
CA HIS C 174 37.15 27.87 2.22
C HIS C 174 36.26 29.04 1.82
N THR C 175 35.01 29.00 2.26
CA THR C 175 34.05 30.06 2.01
C THR C 175 33.17 30.21 3.23
N PHE C 176 33.10 31.33 3.73
CA PHE C 176 32.46 31.58 5.01
C PHE C 176 31.05 32.10 4.79
N PRO C 177 30.10 31.80 5.68
CA PRO C 177 28.73 32.31 5.49
C PRO C 177 28.65 33.81 5.73
N ALA C 178 27.75 34.46 4.99
CA ALA C 178 27.65 35.91 5.00
C ALA C 178 26.91 36.40 6.23
N VAL C 179 27.26 37.61 6.65
CA VAL C 179 26.72 38.18 7.87
C VAL C 179 26.07 39.52 7.55
N LEU C 180 24.95 39.81 8.21
CA LEU C 180 24.22 41.04 7.99
C LEU C 180 24.98 42.22 8.59
N GLN C 181 24.83 43.39 7.98
CA GLN C 181 25.49 44.60 8.44
C GLN C 181 24.50 45.75 8.51
N SER C 182 24.66 46.60 9.52
CA SER C 182 23.76 47.72 9.74
C SER C 182 23.93 48.81 8.68
N TYR C 186 25.17 42.93 3.41
CA TYR C 186 25.84 41.64 3.53
C TYR C 186 27.29 41.76 3.13
N SER C 187 28.15 40.98 3.77
CA SER C 187 29.55 40.95 3.41
C SER C 187 30.13 39.63 3.87
N LEU C 188 30.65 38.85 2.94
CA LEU C 188 31.24 37.57 3.29
C LEU C 188 32.73 37.61 2.96
N SER C 189 33.38 36.46 3.06
CA SER C 189 34.79 36.34 2.76
C SER C 189 35.08 34.90 2.39
N SER C 190 36.06 34.71 1.52
CA SER C 190 36.47 33.37 1.11
C SER C 190 37.98 33.32 0.99
N VAL C 191 38.58 32.31 1.61
CA VAL C 191 40.03 32.23 1.76
C VAL C 191 40.52 30.94 1.11
N VAL C 192 41.45 31.07 0.17
CA VAL C 192 42.13 29.93 -0.44
C VAL C 192 43.28 29.56 0.49
N THR C 193 43.57 28.28 0.63
CA THR C 193 44.66 27.85 1.49
C THR C 193 46.02 28.15 0.89
N LEU D 2 0.32 24.23 21.85
CA LEU D 2 1.19 23.21 22.42
C LEU D 2 2.62 23.65 22.22
N GLN D 3 3.54 23.02 22.95
CA GLN D 3 4.91 23.50 23.04
C GLN D 3 5.84 22.31 23.17
N MET D 4 6.53 21.96 22.10
CA MET D 4 7.31 20.74 22.13
C MET D 4 8.76 21.05 22.46
N THR D 5 9.36 20.18 23.26
CA THR D 5 10.66 20.41 23.87
C THR D 5 11.58 19.29 23.45
N GLN D 6 12.63 19.61 22.71
CA GLN D 6 13.50 18.60 22.17
C GLN D 6 14.90 18.76 22.75
N SER D 7 15.48 17.64 23.14
CA SER D 7 16.79 17.64 23.76
C SER D 7 17.44 16.29 23.49
N PRO D 8 18.76 16.19 23.37
CA PRO D 8 19.86 17.14 23.57
C PRO D 8 20.07 18.06 22.37
N SER D 9 20.52 19.29 22.61
CA SER D 9 20.71 20.23 21.50
C SER D 9 21.99 19.98 20.73
N SER D 10 23.02 19.47 21.39
CA SER D 10 24.27 19.15 20.75
C SER D 10 24.58 17.68 20.96
N LEU D 11 25.35 17.12 20.03
CA LEU D 11 25.65 15.71 20.11
C LEU D 11 26.91 15.47 19.30
N SER D 12 27.71 14.50 19.72
CA SER D 12 28.84 14.06 18.92
C SER D 12 29.04 12.59 19.16
N ALA D 13 29.06 11.80 18.09
CA ALA D 13 29.14 10.36 18.21
C ALA D 13 30.11 9.81 17.18
N SER D 14 30.51 8.56 17.38
CA SER D 14 31.39 7.87 16.45
C SER D 14 30.58 6.90 15.60
N VAL D 15 31.18 6.46 14.50
CA VAL D 15 30.47 5.63 13.54
C VAL D 15 30.30 4.24 14.13
N GLY D 16 29.08 3.91 14.53
CA GLY D 16 28.81 2.60 15.05
C GLY D 16 28.22 2.58 16.44
N ASP D 17 27.52 3.63 16.82
CA ASP D 17 26.99 3.75 18.17
C ASP D 17 25.48 3.77 18.12
N ARG D 18 24.87 3.93 19.29
CA ARG D 18 23.45 4.20 19.41
C ARG D 18 23.27 5.63 19.91
N VAL D 19 22.25 6.31 19.39
CA VAL D 19 21.93 7.66 19.83
C VAL D 19 20.48 7.70 20.28
N THR D 20 20.22 8.50 21.31
CA THR D 20 18.89 8.64 21.89
C THR D 20 18.50 10.10 21.89
N ILE D 21 17.56 10.44 21.04
CA ILE D 21 16.96 11.77 20.96
C ILE D 21 15.65 11.72 21.69
N THR D 22 15.36 12.72 22.49
CA THR D 22 14.13 12.74 23.29
C THR D 22 13.34 13.98 22.93
N CYS D 23 12.03 13.82 22.76
CA CYS D 23 11.19 14.94 22.34
C CYS D 23 9.90 14.88 23.17
N ARG D 24 9.87 15.58 24.29
CA ARG D 24 8.74 15.54 25.20
C ARG D 24 7.73 16.62 24.87
N ALA D 25 6.46 16.26 24.79
CA ALA D 25 5.43 17.24 24.51
C ALA D 25 5.04 17.92 25.83
N SER D 26 4.03 18.79 25.78
CA SER D 26 3.63 19.53 26.96
C SER D 26 2.18 19.30 27.38
N GLN D 27 1.39 18.61 26.56
CA GLN D 27 0.18 17.95 27.03
C GLN D 27 0.00 16.76 26.12
N SER D 28 -0.71 15.73 26.61
CA SER D 28 -0.72 14.44 25.95
C SER D 28 -1.39 14.52 24.60
N ILE D 29 -0.88 13.74 23.64
CA ILE D 29 -1.57 13.75 22.37
C ILE D 29 -2.12 12.36 21.99
N SER D 30 -1.31 11.51 21.38
CA SER D 30 -1.64 10.17 20.90
C SER D 30 -0.44 9.67 20.15
N SER D 31 -0.66 8.69 19.28
CA SER D 31 0.30 8.36 18.24
C SER D 31 0.31 9.36 17.07
N TYR D 32 0.43 10.66 17.39
CA TYR D 32 0.57 11.71 16.38
C TYR D 32 1.90 12.42 16.59
N LEU D 33 2.93 11.98 15.88
CA LEU D 33 4.26 12.55 16.01
C LEU D 33 5.04 12.09 14.80
N ASN D 34 5.77 13.01 14.16
CA ASN D 34 6.52 12.67 12.97
C ASN D 34 7.97 13.09 13.16
N TRP D 35 8.90 12.35 12.57
CA TRP D 35 10.33 12.65 12.67
C TRP D 35 10.91 12.96 11.31
N TYR D 36 11.66 14.06 11.19
CA TYR D 36 12.27 14.49 9.93
C TYR D 36 13.78 14.56 10.02
N GLN D 37 14.43 14.44 8.86
CA GLN D 37 15.87 14.55 8.72
C GLN D 37 16.20 15.63 7.72
N GLN D 38 17.16 16.49 8.01
CA GLN D 38 17.51 17.57 7.10
C GLN D 38 19.02 17.62 6.91
N LYS D 39 19.48 17.14 5.77
CA LYS D 39 20.87 17.37 5.41
C LYS D 39 21.05 18.83 5.01
N PRO D 40 22.13 19.49 5.47
CA PRO D 40 22.22 20.96 5.38
C PRO D 40 22.29 21.53 3.97
N GLY D 41 21.28 22.29 3.61
CA GLY D 41 21.15 22.80 2.26
C GLY D 41 19.87 22.38 1.57
N LYS D 42 19.50 21.11 1.67
CA LYS D 42 18.36 20.59 0.93
C LYS D 42 17.07 20.74 1.72
N ALA D 43 16.00 20.15 1.19
CA ALA D 43 14.71 20.05 1.84
C ALA D 43 14.74 18.94 2.88
N PRO D 44 13.81 18.97 3.85
CA PRO D 44 13.70 17.85 4.77
C PRO D 44 13.11 16.61 4.12
N LYS D 45 13.02 15.56 4.93
CA LYS D 45 12.71 14.23 4.44
C LYS D 45 12.04 13.46 5.58
N LEU D 46 11.09 12.59 5.24
CA LEU D 46 10.28 11.92 6.24
C LEU D 46 10.94 10.62 6.66
N LEU D 47 10.95 10.33 7.96
CA LEU D 47 11.48 9.05 8.44
C LEU D 47 10.42 8.19 9.13
N ILE D 48 9.84 8.67 10.22
CA ILE D 48 8.92 7.92 11.06
C ILE D 48 7.62 8.69 11.08
N TYR D 49 6.50 8.04 10.81
CA TYR D 49 5.21 8.70 10.93
C TYR D 49 4.37 7.94 11.92
N ALA D 50 3.42 8.64 12.52
CA ALA D 50 2.51 8.11 13.53
C ALA D 50 3.26 7.48 14.69
N ALA D 51 4.36 8.11 15.09
CA ALA D 51 5.19 7.84 16.26
C ALA D 51 5.97 6.54 16.20
N SER D 52 5.65 5.62 15.29
CA SER D 52 6.37 4.36 15.26
C SER D 52 6.59 3.70 13.92
N SER D 53 6.08 4.21 12.82
CA SER D 53 6.09 3.47 11.57
C SER D 53 7.14 4.01 10.61
N LEU D 54 7.89 3.10 10.00
CA LEU D 54 8.94 3.48 9.05
C LEU D 54 8.31 3.84 7.72
N GLN D 55 8.90 4.83 7.04
CA GLN D 55 8.35 5.30 5.79
C GLN D 55 9.08 4.62 4.65
N SER D 56 8.34 4.24 3.61
CA SER D 56 8.84 3.27 2.63
C SER D 56 9.97 3.86 1.81
N GLY D 57 11.18 3.33 2.02
CA GLY D 57 12.38 3.89 1.44
C GLY D 57 13.44 4.09 2.49
N VAL D 58 13.00 4.46 3.69
CA VAL D 58 13.91 4.53 4.82
C VAL D 58 14.32 3.12 5.22
N PRO D 59 15.60 2.86 5.50
CA PRO D 59 16.00 1.53 5.95
C PRO D 59 15.44 1.19 7.32
N SER D 60 15.56 -0.08 7.67
CA SER D 60 15.08 -0.56 8.95
C SER D 60 16.12 -0.38 10.07
N ARG D 61 17.04 0.56 9.90
CA ARG D 61 17.97 0.92 10.95
C ARG D 61 17.34 1.90 11.93
N PHE D 62 16.58 2.88 11.44
CA PHE D 62 15.86 3.84 12.27
C PHE D 62 14.62 3.19 12.85
N SER D 63 14.29 3.53 14.10
CA SER D 63 13.04 3.08 14.69
C SER D 63 12.70 3.95 15.89
N GLY D 64 11.50 4.53 15.89
CA GLY D 64 11.03 5.33 17.00
C GLY D 64 9.94 4.61 17.74
N SER D 65 9.57 5.16 18.90
CA SER D 65 8.64 4.49 19.81
C SER D 65 8.05 5.51 20.77
N GLY D 66 7.18 5.03 21.65
CA GLY D 66 6.60 5.84 22.70
C GLY D 66 5.27 6.45 22.28
N SER D 67 4.47 6.78 23.29
CA SER D 67 3.22 7.50 23.07
C SER D 67 2.90 8.29 24.32
N GLY D 68 1.85 9.09 24.24
CA GLY D 68 1.47 9.91 25.38
C GLY D 68 2.15 11.26 25.45
N THR D 69 3.25 11.34 26.19
CA THR D 69 4.06 12.56 26.25
C THR D 69 5.55 12.30 26.08
N ASP D 70 5.98 11.08 25.85
CA ASP D 70 7.40 10.76 25.79
C ASP D 70 7.66 10.02 24.49
N PHE D 71 8.59 10.52 23.69
CA PHE D 71 8.85 10.00 22.37
C PHE D 71 10.35 9.94 22.13
N THR D 72 10.81 8.95 21.37
CA THR D 72 12.24 8.70 21.32
C THR D 72 12.63 8.12 19.97
N LEU D 73 13.64 8.68 19.35
CA LEU D 73 14.18 8.12 18.11
C LEU D 73 15.49 7.44 18.43
N THR D 74 15.76 6.33 17.75
CA THR D 74 16.96 5.54 18.05
C THR D 74 17.47 4.88 16.79
N ILE D 75 18.70 5.21 16.43
CA ILE D 75 19.42 4.55 15.36
C ILE D 75 20.21 3.40 15.98
N SER D 76 20.36 2.29 15.26
CA SER D 76 21.04 1.15 15.83
C SER D 76 22.56 1.30 15.77
N SER D 77 23.12 1.45 14.58
CA SER D 77 24.56 1.61 14.42
C SER D 77 24.79 2.45 13.18
N LEU D 78 25.48 3.60 13.35
CA LEU D 78 25.47 4.68 12.37
C LEU D 78 26.15 4.29 11.06
N GLN D 79 26.00 5.18 10.09
CA GLN D 79 26.63 5.15 8.79
C GLN D 79 27.16 6.56 8.58
N PRO D 80 28.06 6.77 7.62
CA PRO D 80 28.54 8.15 7.41
C PRO D 80 27.52 9.05 6.76
N GLU D 81 26.45 8.51 6.20
CA GLU D 81 25.43 9.31 5.55
C GLU D 81 24.32 9.76 6.50
N ASP D 82 24.38 9.36 7.75
CA ASP D 82 23.36 9.74 8.73
C ASP D 82 23.91 10.79 9.69
N PHE D 83 24.12 12.01 9.20
CA PHE D 83 24.53 13.13 10.05
C PHE D 83 23.80 14.39 9.58
N ALA D 84 22.90 14.90 10.40
CA ALA D 84 22.00 15.96 9.98
C ALA D 84 21.44 16.68 11.20
N THR D 85 20.30 17.32 11.03
CA THR D 85 19.48 17.83 12.12
C THR D 85 18.19 17.03 12.15
N TYR D 86 17.72 16.66 13.33
CA TYR D 86 16.52 15.86 13.51
C TYR D 86 15.42 16.66 14.17
N TYR D 87 14.25 16.67 13.56
CA TYR D 87 13.11 17.45 14.00
C TYR D 87 11.96 16.53 14.37
N CYS D 88 11.15 16.99 15.30
CA CYS D 88 9.95 16.28 15.72
C CYS D 88 8.78 17.22 15.65
N GLN D 89 7.69 16.78 15.03
CA GLN D 89 6.51 17.57 14.74
C GLN D 89 5.27 16.94 15.38
N GLN D 90 4.41 17.73 16.02
CA GLN D 90 3.13 17.22 16.48
C GLN D 90 2.03 17.52 15.47
N SER D 91 1.12 16.57 15.26
CA SER D 91 0.03 16.71 14.30
C SER D 91 -1.33 16.84 14.96
N TYR D 92 -1.40 17.25 16.20
CA TYR D 92 -2.66 17.12 16.92
C TYR D 92 -3.54 18.36 16.78
N SER D 93 -3.04 19.51 17.23
CA SER D 93 -3.78 20.77 17.18
C SER D 93 -3.20 21.69 16.14
N THR D 94 -4.02 22.52 15.59
CA THR D 94 -3.50 23.53 14.68
C THR D 94 -3.22 24.80 15.45
N PRO D 95 -2.02 25.39 15.38
CA PRO D 95 -0.86 25.18 14.51
C PRO D 95 0.00 23.98 14.86
N TYR D 96 0.64 23.39 13.86
CA TYR D 96 1.49 22.24 14.07
C TYR D 96 2.88 22.76 14.40
N THR D 97 3.35 22.57 15.62
CA THR D 97 4.62 23.15 16.01
C THR D 97 5.73 22.14 15.85
N PHE D 98 6.87 22.60 15.35
CA PHE D 98 8.05 21.75 15.24
C PHE D 98 8.83 21.79 16.54
N GLY D 99 10.00 21.19 16.54
CA GLY D 99 10.82 21.13 17.72
C GLY D 99 11.91 22.18 17.70
N GLN D 100 13.14 21.78 17.97
CA GLN D 100 14.24 22.71 17.94
C GLN D 100 15.39 22.12 17.13
N GLY D 101 15.53 20.81 17.17
CA GLY D 101 16.56 20.19 16.38
C GLY D 101 17.66 19.61 17.24
N THR D 102 18.21 18.48 16.78
CA THR D 102 19.36 17.85 17.41
C THR D 102 20.41 17.71 16.34
N LYS D 103 21.40 18.58 16.34
CA LYS D 103 22.43 18.51 15.33
C LYS D 103 23.39 17.37 15.64
N LEU D 104 23.60 16.52 14.66
CA LEU D 104 24.31 15.25 14.83
C LEU D 104 25.67 15.35 14.16
N GLU D 105 26.73 15.32 14.95
CA GLU D 105 28.07 15.65 14.49
C GLU D 105 28.90 14.38 14.36
N ILE D 106 30.11 14.53 13.83
CA ILE D 106 31.07 13.44 13.75
C ILE D 106 32.17 13.73 14.76
N LYS D 107 32.64 12.69 15.43
CA LYS D 107 33.66 12.86 16.47
C LYS D 107 35.01 12.39 15.96
N ARG D 108 36.06 13.11 16.37
CA ARG D 108 37.43 12.74 16.08
C ARG D 108 38.29 13.20 17.27
N THR D 109 39.61 13.19 17.09
CA THR D 109 40.54 13.61 18.12
C THR D 109 40.89 15.08 17.97
N VAL D 110 41.49 15.65 19.02
CA VAL D 110 41.73 17.08 19.09
C VAL D 110 42.86 17.47 18.17
N ALA D 111 42.65 18.49 17.34
CA ALA D 111 43.66 19.03 16.45
C ALA D 111 43.91 20.49 16.77
N ALA D 112 44.83 21.11 16.02
CA ALA D 112 45.32 22.42 16.38
C ALA D 112 44.98 23.47 15.33
N PRO D 113 44.63 24.68 15.76
CA PRO D 113 44.34 25.74 14.79
C PRO D 113 45.61 26.36 14.23
N SER D 114 45.48 26.91 13.03
CA SER D 114 46.59 27.57 12.33
C SER D 114 46.22 29.02 12.11
N VAL D 115 46.80 29.91 12.91
CA VAL D 115 46.40 31.31 12.99
C VAL D 115 47.14 32.13 11.94
N PHE D 116 46.38 32.84 11.11
CA PHE D 116 46.91 33.80 10.14
C PHE D 116 46.36 35.17 10.49
N ILE D 117 46.79 36.20 9.76
CA ILE D 117 46.21 37.55 9.88
C ILE D 117 46.44 38.27 8.55
N PHE D 118 45.43 39.02 8.11
CA PHE D 118 45.50 39.71 6.83
C PHE D 118 45.48 41.21 7.08
N PRO D 119 46.45 41.97 6.57
CA PRO D 119 46.47 43.41 6.79
C PRO D 119 45.41 44.10 5.94
N PRO D 120 45.04 45.36 6.27
CA PRO D 120 44.06 46.06 5.45
C PRO D 120 44.62 46.64 4.16
N VAL D 132 40.65 43.93 9.16
CA VAL D 132 41.53 42.76 9.16
C VAL D 132 40.72 41.48 9.28
N VAL D 133 41.34 40.35 8.98
CA VAL D 133 40.68 39.04 9.04
C VAL D 133 41.65 38.06 9.69
N CYS D 134 41.26 37.49 10.82
CA CYS D 134 42.08 36.50 11.51
C CYS D 134 41.57 35.10 11.20
N LEU D 135 42.32 34.34 10.44
CA LEU D 135 41.91 33.02 9.98
C LEU D 135 42.38 31.96 10.95
N LEU D 136 41.44 31.22 11.52
CA LEU D 136 41.72 30.03 12.31
C LEU D 136 41.32 28.85 11.45
N ASN D 137 42.31 28.13 10.93
CA ASN D 137 42.05 27.13 9.92
C ASN D 137 42.24 25.75 10.52
N ASN D 138 41.26 24.86 10.29
CA ASN D 138 41.36 23.41 10.45
C ASN D 138 41.66 22.99 11.90
N PHE D 139 40.69 23.24 12.78
CA PHE D 139 40.79 22.79 14.16
C PHE D 139 39.53 22.06 14.59
N TYR D 140 39.55 21.55 15.83
CA TYR D 140 38.49 20.75 16.43
C TYR D 140 38.73 20.62 17.93
N PRO D 141 37.71 20.77 18.79
CA PRO D 141 36.33 21.19 18.62
C PRO D 141 36.21 22.71 18.53
N ARG D 142 35.04 23.20 18.15
CA ARG D 142 34.87 24.62 17.85
C ARG D 142 34.82 25.45 19.13
N GLU D 143 35.81 26.32 19.33
CA GLU D 143 35.83 27.21 20.49
C GLU D 143 36.28 28.61 20.10
N ALA D 144 36.46 29.44 21.11
CA ALA D 144 36.39 30.89 20.98
C ALA D 144 37.70 31.47 20.42
N LYS D 145 37.80 32.79 20.48
CA LYS D 145 38.89 33.56 19.91
C LYS D 145 40.13 33.40 20.75
N SER D 159 33.16 43.10 13.49
CA SER D 159 33.58 42.53 14.76
C SER D 159 32.79 41.26 15.04
N GLN D 160 32.36 40.60 13.98
CA GLN D 160 31.52 39.42 14.08
C GLN D 160 32.25 38.22 13.52
N GLU D 161 31.79 37.04 13.93
CA GLU D 161 32.49 35.79 13.69
C GLU D 161 31.62 34.88 12.83
N SER D 162 32.26 33.97 12.10
CA SER D 162 31.55 33.20 11.10
C SER D 162 32.26 31.87 10.94
N VAL D 163 31.58 30.76 11.23
CA VAL D 163 32.20 29.45 11.27
C VAL D 163 31.50 28.56 10.26
N THR D 164 32.24 27.62 9.67
CA THR D 164 31.72 26.74 8.64
C THR D 164 31.07 25.49 9.23
N GLU D 165 30.81 24.52 8.36
CA GLU D 165 30.32 23.20 8.73
C GLU D 165 31.49 22.21 8.72
N GLN D 166 31.16 20.94 8.91
CA GLN D 166 32.16 19.88 8.92
C GLN D 166 32.71 19.67 7.52
N ASP D 167 34.03 19.79 7.39
CA ASP D 167 34.70 19.55 6.11
C ASP D 167 34.81 18.04 5.94
N SER D 168 33.87 17.46 5.19
CA SER D 168 33.63 16.02 5.23
C SER D 168 34.62 15.23 4.39
N LYS D 169 35.91 15.43 4.64
CA LYS D 169 36.94 14.49 4.20
C LYS D 169 37.68 14.06 5.45
N ASP D 170 37.73 14.96 6.44
CA ASP D 170 38.30 14.63 7.74
C ASP D 170 37.53 15.25 8.90
N SER D 171 36.39 15.89 8.64
CA SER D 171 35.47 16.43 9.65
C SER D 171 36.17 17.45 10.56
N THR D 172 36.50 18.59 9.98
CA THR D 172 37.24 19.63 10.68
C THR D 172 36.56 20.98 10.41
N TYR D 173 36.66 21.89 11.38
CA TYR D 173 36.03 23.20 11.26
C TYR D 173 36.91 24.16 10.47
N SER D 174 36.54 25.45 10.47
CA SER D 174 37.27 26.58 9.93
C SER D 174 36.57 27.85 10.40
N LEU D 175 37.34 28.86 10.79
CA LEU D 175 36.75 30.01 11.46
C LEU D 175 37.36 31.30 10.96
N SER D 176 36.65 32.41 11.16
CA SER D 176 37.19 33.74 10.88
C SER D 176 36.62 34.77 11.83
N SER D 177 37.33 35.89 11.95
CA SER D 177 36.85 37.05 12.68
C SER D 177 37.35 38.29 11.97
N THR D 178 36.63 39.40 12.16
CA THR D 178 36.94 40.59 11.40
C THR D 178 37.22 41.78 12.31
C1 NAG E . -3.97 -6.35 20.31
C2 NAG E . -4.26 -7.84 20.46
C3 NAG E . -4.61 -8.15 21.92
C4 NAG E . -3.48 -7.72 22.83
C5 NAG E . -3.25 -6.21 22.64
C6 NAG E . -2.08 -5.69 23.44
C7 NAG E . -5.23 -9.25 18.68
C8 NAG E . -3.91 -9.96 18.61
N2 NAG E . -5.34 -8.26 19.57
O3 NAG E . -4.84 -9.56 22.07
O4 NAG E . -3.79 -8.01 24.19
O5 NAG E . -2.96 -5.94 21.26
O6 NAG E . -1.94 -4.28 23.30
O7 NAG E . -6.16 -9.56 17.96
C1 NAG F . -17.85 -21.75 -39.58
C2 NAG F . -19.21 -21.25 -39.03
C3 NAG F . -20.28 -21.21 -40.12
C4 NAG F . -19.79 -20.50 -41.37
C5 NAG F . -18.52 -21.18 -41.85
C6 NAG F . -17.94 -20.55 -43.10
C7 NAG F . -19.26 -21.90 -36.66
C8 NAG F . -19.84 -22.85 -35.66
N2 NAG F . -19.65 -22.08 -37.93
O3 NAG F . -21.42 -20.54 -39.62
O4 NAG F . -20.77 -20.56 -42.40
O5 NAG F . -17.52 -21.06 -40.82
O6 NAG F . -18.97 -20.00 -43.91
O7 NAG F . -18.48 -21.01 -36.33
C1 NAG G . -9.90 -4.18 -17.34
C2 NAG G . -10.42 -2.87 -16.76
C3 NAG G . -11.27 -2.14 -17.79
C4 NAG G . -10.46 -1.91 -19.06
C5 NAG G . -9.93 -3.25 -19.58
C6 NAG G . -9.01 -3.09 -20.77
C7 NAG G . -10.76 -2.60 -14.35
C8 NAG G . -11.63 -2.93 -13.17
N2 NAG G . -11.16 -3.09 -15.53
O3 NAG G . -11.71 -0.91 -17.25
O4 NAG G . -11.28 -1.33 -20.07
O5 NAG G . -9.16 -3.92 -18.55
O6 NAG G . -9.68 -3.38 -21.99
O7 NAG G . -9.74 -1.93 -14.24
C1 NAG H . -9.85 -49.48 -15.17
C2 NAG H . -9.57 -49.72 -16.66
C3 NAG H . -8.96 -51.12 -16.86
C4 NAG H . -7.75 -51.31 -15.96
C5 NAG H . -8.15 -51.05 -14.52
C6 NAG H . -6.99 -51.16 -13.55
C7 NAG H . -10.83 -49.12 -18.68
C8 NAG H . -12.17 -49.06 -19.33
N2 NAG H . -10.80 -49.60 -17.43
O3 NAG H . -8.56 -51.25 -18.23
O4 NAG H . -7.25 -52.64 -16.09
O5 NAG H . -8.65 -49.71 -14.41
O6 NAG H . -7.00 -52.43 -12.89
O7 NAG H . -9.81 -48.76 -19.26
#